data_8PD1
#
_entry.id   8PD1
#
_cell.length_a   100.990
_cell.length_b   103.760
_cell.length_c   141.610
_cell.angle_alpha   90.00
_cell.angle_beta   90.00
_cell.angle_gamma   90.00
#
_symmetry.space_group_name_H-M   'C 2 2 21'
#
loop_
_entity.id
_entity.type
_entity.pdbx_description
1 polymer '3-oxoacyl-[acyl-carrier-protein] synthase 2'
2 non-polymer 'DIMETHYL SULFOXIDE'
3 non-polymer 'PHOSPHATE ION'
4 non-polymer 'FORMIC ACID'
5 non-polymer ~{N}-propan-2-yl-1~{H}-imidazole-4-carboxamide
6 non-polymer 'CHLORIDE ION'
7 water water
#
_entity_poly.entity_id   1
_entity_poly.type   'polypeptide(L)'
_entity_poly.pdbx_seq_one_letter_code
;GHMASMSRRRVVITGMGMLSPLGLDVPSSWEGILAGRSGIAPIEHMDLSAYSTRFGGSVKGFNVEEYLSAKEARKLDLFI
QYGLAASFQAVRDSGLEVTDANRERIGVSMGSGIGGLTNIENNCRSLFEQGPRRISPFFVPGSIINMVSGFLSIHLGLQG
PNYALTTAATTGTHSIGMAARNIAYGEADVMVAGGSEMAACGLGLGGFGAARALSTRNDEPTRASRPWDRDRDGFVLSDG
SGALVLEELEHARARGARIYAELVGFGMSGDAFHMTAPPEDGAGAARCMKNALRDAGLDPRQVDYINAHGTSTPAGDIAE
IAAVKSVFGEHAHALSMSSTKSMTGHLLGAAGAVEAIFSVLALRDQVAPPTINLDNPDEGCDLDLVAHEAKPRKIDVALS
NSFGFGGTNGTLVFRRFAD
;
_entity_poly.pdbx_strand_id   A,B
#
# COMPACT_ATOMS: atom_id res chain seq x y z
N ARG A 8 14.59 -24.03 37.33
CA ARG A 8 13.92 -22.73 36.91
C ARG A 8 12.64 -22.57 37.73
N ARG A 9 12.45 -21.38 38.29
CA ARG A 9 11.31 -21.03 39.20
C ARG A 9 10.06 -20.76 38.36
N ARG A 10 8.89 -20.98 38.95
CA ARG A 10 7.60 -20.76 38.26
C ARG A 10 7.20 -19.27 38.38
N VAL A 11 6.55 -18.76 37.35
CA VAL A 11 6.20 -17.32 37.23
C VAL A 11 4.69 -17.18 37.10
N VAL A 12 4.11 -16.34 37.93
CA VAL A 12 2.64 -16.11 37.93
C VAL A 12 2.38 -14.62 37.73
N ILE A 13 1.17 -14.28 37.30
CA ILE A 13 0.70 -12.89 37.09
C ILE A 13 -0.12 -12.51 38.32
N THR A 14 0.22 -11.44 39.02
CA THR A 14 -0.49 -11.05 40.28
C THR A 14 -1.10 -9.65 40.16
N GLY A 15 -0.87 -8.95 39.06
CA GLY A 15 -1.41 -7.59 38.88
C GLY A 15 -1.46 -7.22 37.42
N MET A 16 -2.49 -6.48 37.00
CA MET A 16 -2.61 -6.04 35.58
C MET A 16 -3.14 -4.62 35.52
N GLY A 17 -2.74 -3.87 34.50
CA GLY A 17 -3.13 -2.48 34.30
C GLY A 17 -3.13 -2.17 32.81
N MET A 18 -4.02 -1.29 32.40
CA MET A 18 -4.18 -1.01 30.97
C MET A 18 -4.80 0.38 30.77
N LEU A 19 -4.38 1.03 29.69
CA LEU A 19 -5.14 2.09 29.00
C LEU A 19 -5.35 1.60 27.57
N SER A 20 -6.58 1.63 27.07
CA SER A 20 -6.86 1.17 25.70
C SER A 20 -7.96 2.06 25.12
N PRO A 21 -8.17 1.96 23.81
CA PRO A 21 -9.32 2.63 23.20
C PRO A 21 -10.68 2.20 23.77
N LEU A 22 -10.74 1.11 24.55
CA LEU A 22 -12.01 0.60 25.13
C LEU A 22 -12.15 0.99 26.60
N GLY A 23 -11.12 1.54 27.26
CA GLY A 23 -11.26 1.92 28.67
C GLY A 23 -9.98 2.39 29.31
N LEU A 24 -10.13 2.98 30.48
CA LEU A 24 -9.01 3.62 31.20
C LEU A 24 -8.46 2.66 32.24
N ASP A 25 -8.93 1.42 32.25
CA ASP A 25 -8.42 0.37 33.14
C ASP A 25 -8.78 -1.00 32.58
N VAL A 26 -8.41 -2.06 33.28
CA VAL A 26 -8.64 -3.44 32.81
C VAL A 26 -10.14 -3.79 32.79
N PRO A 27 -10.93 -3.62 33.86
N PRO A 27 -10.89 -3.66 33.90
CA PRO A 27 -12.29 -4.12 33.83
CA PRO A 27 -12.31 -4.03 33.90
C PRO A 27 -13.18 -3.37 32.82
C PRO A 27 -13.10 -3.39 32.76
N SER A 28 -12.99 -2.06 32.60
CA SER A 28 -13.76 -1.32 31.55
C SER A 28 -13.32 -1.78 30.14
N SER A 29 -12.03 -1.99 29.92
CA SER A 29 -11.56 -2.52 28.60
C SER A 29 -12.14 -3.91 28.34
N TRP A 30 -12.06 -4.81 29.32
CA TRP A 30 -12.50 -6.22 29.18
C TRP A 30 -14.02 -6.32 28.94
N GLU A 31 -14.81 -5.52 29.65
CA GLU A 31 -16.27 -5.42 29.40
C GLU A 31 -16.49 -5.07 27.93
N GLY A 32 -15.73 -4.11 27.39
CA GLY A 32 -15.77 -3.72 25.98
C GLY A 32 -15.48 -4.89 25.08
N ILE A 33 -14.41 -5.64 25.38
CA ILE A 33 -13.96 -6.80 24.59
C ILE A 33 -15.07 -7.87 24.53
N LEU A 34 -15.60 -8.28 25.67
CA LEU A 34 -16.65 -9.34 25.68
C LEU A 34 -17.96 -8.86 25.04
N ALA A 35 -18.24 -7.56 24.99
CA ALA A 35 -19.46 -7.01 24.35
C ALA A 35 -19.21 -6.81 22.84
N GLY A 36 -18.00 -6.98 22.35
CA GLY A 36 -17.69 -6.75 20.93
C GLY A 36 -17.80 -5.28 20.56
N ARG A 37 -17.49 -4.38 21.48
CA ARG A 37 -17.48 -2.91 21.24
CA ARG A 37 -17.47 -2.91 21.25
C ARG A 37 -16.19 -2.55 20.49
N SER A 38 -16.31 -1.64 19.54
CA SER A 38 -15.16 -1.03 18.82
C SER A 38 -14.65 0.18 19.62
N GLY A 39 -13.35 0.33 19.69
CA GLY A 39 -12.77 1.54 20.28
C GLY A 39 -12.32 2.55 19.24
N ILE A 40 -12.69 2.37 17.99
CA ILE A 40 -12.13 3.10 16.83
C ILE A 40 -13.08 4.25 16.49
N ALA A 41 -12.54 5.43 16.27
CA ALA A 41 -13.36 6.63 15.98
C ALA A 41 -12.52 7.60 15.18
N PRO A 42 -13.18 8.58 14.51
CA PRO A 42 -12.46 9.69 13.91
C PRO A 42 -11.60 10.39 14.96
N ILE A 43 -10.39 10.78 14.55
CA ILE A 43 -9.39 11.43 15.42
C ILE A 43 -9.79 12.90 15.58
N GLU A 44 -9.68 13.43 16.80
CA GLU A 44 -10.25 14.75 17.20
C GLU A 44 -9.15 15.73 17.60
N HIS A 45 -8.03 15.24 18.13
CA HIS A 45 -6.94 16.06 18.73
C HIS A 45 -6.02 16.67 17.64
N MET A 46 -6.19 16.32 16.35
CA MET A 46 -5.49 17.01 15.23
C MET A 46 -6.41 17.07 14.01
N ASP A 47 -6.10 17.97 13.05
CA ASP A 47 -6.88 18.16 11.79
C ASP A 47 -6.26 17.33 10.65
N LEU A 48 -6.96 16.29 10.19
CA LEU A 48 -6.40 15.24 9.30
C LEU A 48 -6.97 15.28 7.88
N SER A 49 -7.51 16.41 7.42
CA SER A 49 -8.19 16.46 6.09
C SER A 49 -7.18 16.44 4.93
N ALA A 50 -5.87 16.31 5.18
CA ALA A 50 -4.83 15.98 4.16
C ALA A 50 -4.27 14.55 4.31
N TYR A 51 -4.90 13.69 5.12
CA TYR A 51 -4.40 12.32 5.40
C TYR A 51 -5.40 11.35 4.75
N SER A 52 -4.92 10.19 4.34
CA SER A 52 -5.79 9.16 3.74
C SER A 52 -6.48 8.34 4.84
N THR A 53 -5.95 8.37 6.06
CA THR A 53 -6.55 7.70 7.24
C THR A 53 -6.80 8.77 8.31
N ARG A 54 -8.05 8.94 8.72
CA ARG A 54 -8.39 10.03 9.65
C ARG A 54 -9.08 9.46 10.88
N PHE A 55 -8.84 8.19 11.19
CA PHE A 55 -9.46 7.52 12.35
C PHE A 55 -8.42 6.65 13.01
N GLY A 56 -8.75 6.20 14.22
CA GLY A 56 -7.88 5.29 14.99
C GLY A 56 -8.43 5.04 16.37
N GLY A 57 -7.68 4.33 17.19
CA GLY A 57 -8.10 4.01 18.57
C GLY A 57 -7.37 4.92 19.52
N SER A 58 -8.05 5.94 20.01
CA SER A 58 -7.49 6.91 20.99
C SER A 58 -7.82 6.44 22.39
N VAL A 59 -7.00 6.81 23.34
CA VAL A 59 -7.41 6.70 24.76
C VAL A 59 -8.29 7.92 25.05
N LYS A 60 -9.52 7.71 25.50
CA LYS A 60 -10.48 8.81 25.71
C LYS A 60 -10.58 9.15 27.20
N GLY A 61 -10.36 10.42 27.55
CA GLY A 61 -10.64 10.95 28.90
C GLY A 61 -9.47 10.70 29.86
N PHE A 62 -8.30 10.34 29.34
CA PHE A 62 -7.13 10.04 30.18
C PHE A 62 -6.79 11.28 31.02
N ASN A 63 -6.68 11.13 32.34
CA ASN A 63 -6.24 12.24 33.20
C ASN A 63 -4.95 11.82 33.89
N VAL A 64 -3.82 12.34 33.40
CA VAL A 64 -2.47 12.00 33.91
C VAL A 64 -2.37 12.45 35.38
N GLU A 65 -3.16 13.44 35.80
CA GLU A 65 -3.07 13.98 37.18
C GLU A 65 -3.70 13.02 38.20
N GLU A 66 -4.34 11.94 37.75
CA GLU A 66 -4.68 10.78 38.59
C GLU A 66 -3.41 10.02 39.03
N TYR A 67 -2.28 10.18 38.34
CA TYR A 67 -1.06 9.36 38.55
C TYR A 67 0.16 10.23 38.92
N LEU A 68 0.24 11.44 38.39
CA LEU A 68 1.45 12.29 38.49
C LEU A 68 0.99 13.73 38.76
N SER A 69 1.88 14.53 39.32
CA SER A 69 1.74 16.01 39.38
C SER A 69 1.81 16.60 37.96
N ALA A 70 1.20 17.77 37.77
CA ALA A 70 1.15 18.45 36.46
C ALA A 70 2.58 18.84 36.05
N LYS A 71 3.43 19.12 37.04
CA LYS A 71 4.85 19.48 36.86
C LYS A 71 5.60 18.29 36.22
N GLU A 72 5.49 17.10 36.82
CA GLU A 72 6.10 15.83 36.32
C GLU A 72 5.59 15.55 34.90
N ALA A 73 4.27 15.53 34.72
CA ALA A 73 3.63 15.15 33.44
C ALA A 73 4.06 16.02 32.26
N ARG A 74 4.18 17.32 32.44
CA ARG A 74 4.50 18.25 31.32
C ARG A 74 5.89 17.93 30.75
N LYS A 75 6.73 17.24 31.50
CA LYS A 75 8.09 16.88 31.04
C LYS A 75 8.10 15.53 30.32
N LEU A 76 6.96 14.83 30.25
CA LEU A 76 6.97 13.42 29.70
C LEU A 76 6.09 13.31 28.46
N ASP A 77 6.59 12.69 27.39
CA ASP A 77 5.74 12.32 26.22
C ASP A 77 4.55 11.49 26.68
N LEU A 78 3.48 11.53 25.91
CA LEU A 78 2.25 10.76 26.21
C LEU A 78 2.58 9.26 26.35
N PHE A 79 3.49 8.68 25.54
CA PHE A 79 3.69 7.21 25.59
C PHE A 79 4.24 6.88 27.00
N ILE A 80 5.03 7.78 27.59
CA ILE A 80 5.55 7.57 28.96
C ILE A 80 4.43 7.73 29.98
N GLN A 81 3.60 8.77 29.86
CA GLN A 81 2.41 8.93 30.73
C GLN A 81 1.56 7.64 30.71
N TYR A 82 1.29 7.09 29.52
CA TYR A 82 0.40 5.91 29.37
C TYR A 82 1.06 4.69 30.00
N GLY A 83 2.37 4.51 29.76
CA GLY A 83 3.10 3.39 30.38
C GLY A 83 3.07 3.48 31.90
N LEU A 84 3.30 4.68 32.45
CA LEU A 84 3.29 4.85 33.91
C LEU A 84 1.90 4.56 34.46
N ALA A 85 0.85 5.05 33.81
CA ALA A 85 -0.55 4.78 34.21
C ALA A 85 -0.78 3.27 34.30
N ALA A 86 -0.47 2.49 33.24
CA ALA A 86 -0.72 1.03 33.26
C ALA A 86 0.12 0.40 34.38
N SER A 87 1.38 0.81 34.52
CA SER A 87 2.33 0.26 35.52
C SER A 87 1.81 0.51 36.95
N PHE A 88 1.41 1.73 37.26
CA PHE A 88 0.82 2.05 38.60
C PHE A 88 -0.41 1.21 38.84
N GLN A 89 -1.29 1.08 37.86
CA GLN A 89 -2.50 0.23 38.01
C GLN A 89 -2.12 -1.21 38.36
N ALA A 90 -1.15 -1.78 37.64
CA ALA A 90 -0.73 -3.18 37.84
C ALA A 90 -0.15 -3.35 39.26
N VAL A 91 0.72 -2.46 39.67
CA VAL A 91 1.39 -2.53 40.99
C VAL A 91 0.29 -2.40 42.05
N ARG A 92 -0.61 -1.46 41.89
CA ARG A 92 -1.72 -1.31 42.87
C ARG A 92 -2.56 -2.58 42.91
N ASP A 93 -2.87 -3.14 41.74
CA ASP A 93 -3.68 -4.36 41.58
C ASP A 93 -2.97 -5.55 42.26
N SER A 94 -1.64 -5.56 42.30
CA SER A 94 -0.88 -6.70 42.83
C SER A 94 -0.93 -6.73 44.37
N GLY A 95 -1.15 -5.57 45.00
CA GLY A 95 -1.07 -5.43 46.47
C GLY A 95 0.35 -5.52 47.02
N LEU A 96 1.35 -5.67 46.16
CA LEU A 96 2.76 -5.77 46.61
C LEU A 96 3.16 -4.51 47.40
N GLU A 97 3.91 -4.69 48.48
CA GLU A 97 4.48 -3.58 49.28
C GLU A 97 6.01 -3.60 49.08
N VAL A 98 6.55 -2.50 48.61
CA VAL A 98 8.00 -2.34 48.38
C VAL A 98 8.66 -1.89 49.68
N THR A 99 9.68 -2.63 50.13
CA THR A 99 10.45 -2.32 51.36
C THR A 99 11.94 -2.40 51.06
N ASP A 100 12.78 -2.01 52.03
CA ASP A 100 14.26 -2.20 52.00
C ASP A 100 14.57 -3.67 51.79
N ALA A 101 13.78 -4.59 52.34
CA ALA A 101 14.03 -6.05 52.27
C ALA A 101 13.85 -6.57 50.84
N ASN A 102 12.98 -5.96 50.01
CA ASN A 102 12.68 -6.57 48.68
C ASN A 102 12.99 -5.64 47.50
N ARG A 103 13.33 -4.37 47.69
CA ARG A 103 13.35 -3.40 46.56
C ARG A 103 14.43 -3.84 45.55
N GLU A 104 15.50 -4.54 45.96
CA GLU A 104 16.56 -4.95 45.00
C GLU A 104 16.08 -6.12 44.12
N ARG A 105 14.96 -6.75 44.48
CA ARG A 105 14.43 -7.98 43.84
C ARG A 105 13.27 -7.60 42.93
N ILE A 106 12.99 -6.31 42.73
CA ILE A 106 11.81 -5.86 41.95
C ILE A 106 12.36 -4.99 40.80
N GLY A 107 12.11 -5.41 39.57
CA GLY A 107 12.57 -4.65 38.39
C GLY A 107 11.45 -4.29 37.44
N VAL A 108 11.83 -3.73 36.30
CA VAL A 108 10.85 -3.14 35.35
C VAL A 108 11.38 -3.40 33.95
N SER A 109 10.50 -3.88 33.09
CA SER A 109 10.76 -3.97 31.63
C SER A 109 9.52 -3.45 30.88
N MET A 110 9.41 -2.17 30.69
CA MET A 110 8.30 -1.54 29.93
C MET A 110 8.95 -1.04 28.62
N GLY A 111 8.44 -1.46 27.47
CA GLY A 111 9.00 -1.05 26.17
C GLY A 111 8.05 -0.21 25.36
N SER A 112 8.52 0.21 24.18
CA SER A 112 7.71 0.93 23.19
C SER A 112 8.30 0.64 21.80
N GLY A 113 7.46 0.67 20.77
CA GLY A 113 7.98 0.44 19.41
C GLY A 113 8.52 1.70 18.80
N ILE A 114 7.85 2.83 19.03
CA ILE A 114 8.23 4.11 18.37
C ILE A 114 8.67 5.13 19.43
N GLY A 115 8.15 5.02 20.65
CA GLY A 115 8.49 6.02 21.68
C GLY A 115 7.90 7.39 21.38
N GLY A 116 8.66 8.46 21.63
CA GLY A 116 8.16 9.83 21.83
C GLY A 116 8.06 10.62 20.53
N LEU A 117 7.45 10.04 19.51
CA LEU A 117 7.25 10.70 18.19
C LEU A 117 6.58 12.06 18.36
N THR A 118 5.52 12.18 19.16
CA THR A 118 4.82 13.47 19.33
C THR A 118 5.79 14.52 19.84
N ASN A 119 6.52 14.19 20.89
CA ASN A 119 7.50 15.11 21.51
C ASN A 119 8.54 15.49 20.48
N ILE A 120 9.04 14.50 19.74
CA ILE A 120 10.10 14.77 18.75
C ILE A 120 9.52 15.76 17.74
N GLU A 121 8.27 15.56 17.32
CA GLU A 121 7.65 16.39 16.27
C GLU A 121 7.55 17.84 16.78
N ASN A 122 7.01 18.05 17.98
CA ASN A 122 6.87 19.38 18.65
C ASN A 122 8.24 20.05 18.81
N ASN A 123 9.29 19.32 19.20
CA ASN A 123 10.63 19.94 19.36
C ASN A 123 11.19 20.28 17.98
N CYS A 124 10.96 19.45 16.97
CA CYS A 124 11.36 19.72 15.58
C CYS A 124 10.77 21.03 15.07
N ARG A 125 9.49 21.28 15.34
CA ARG A 125 8.78 22.55 14.98
C ARG A 125 9.54 23.74 15.60
N SER A 126 9.74 23.74 16.91
CA SER A 126 10.54 24.77 17.63
C SER A 126 11.89 24.96 16.95
N LEU A 127 12.62 23.86 16.71
CA LEU A 127 13.96 23.91 16.09
C LEU A 127 13.90 24.60 14.71
N PHE A 128 12.92 24.28 13.87
CA PHE A 128 12.91 24.77 12.46
C PHE A 128 12.44 26.23 12.42
N GLU A 129 11.50 26.59 13.28
CA GLU A 129 10.88 27.93 13.33
C GLU A 129 11.81 28.91 14.07
N GLN A 130 12.52 28.47 15.12
CA GLN A 130 13.13 29.39 16.12
C GLN A 130 14.54 28.95 16.55
N GLY A 131 15.11 27.90 15.97
CA GLY A 131 16.49 27.44 16.24
C GLY A 131 16.63 26.61 17.51
N PRO A 132 17.85 26.05 17.74
CA PRO A 132 18.07 25.00 18.73
C PRO A 132 17.83 25.40 20.19
N ARG A 133 17.98 26.70 20.51
CA ARG A 133 17.79 27.22 21.87
C ARG A 133 16.31 27.04 22.30
N ARG A 134 15.40 26.73 21.38
CA ARG A 134 13.95 26.57 21.70
C ARG A 134 13.64 25.11 22.08
N ILE A 135 14.62 24.22 21.99
CA ILE A 135 14.43 22.80 22.34
C ILE A 135 14.26 22.69 23.85
N SER A 136 13.29 21.91 24.31
CA SER A 136 13.07 21.70 25.76
C SER A 136 14.29 21.04 26.39
N PRO A 137 14.70 21.45 27.61
CA PRO A 137 15.73 20.76 28.38
C PRO A 137 15.30 19.35 28.80
N PHE A 138 13.99 19.07 28.81
CA PHE A 138 13.48 17.74 29.19
C PHE A 138 13.24 16.88 27.94
N PHE A 139 13.61 17.35 26.74
CA PHE A 139 13.40 16.65 25.45
C PHE A 139 13.98 15.21 25.53
N VAL A 140 15.25 15.04 25.84
CA VAL A 140 15.88 13.69 25.86
C VAL A 140 15.23 12.83 26.96
N PRO A 141 15.27 13.20 28.26
CA PRO A 141 14.76 12.32 29.31
C PRO A 141 13.24 12.10 29.21
N GLY A 142 12.51 13.06 28.66
CA GLY A 142 11.05 12.91 28.49
C GLY A 142 10.61 12.21 27.23
N SER A 143 11.51 11.73 26.35
CA SER A 143 11.17 11.17 25.02
C SER A 143 11.78 9.78 24.79
N ILE A 144 12.84 9.40 25.51
CA ILE A 144 13.58 8.14 25.21
C ILE A 144 12.77 6.98 25.79
N ILE A 145 12.84 5.83 25.14
CA ILE A 145 11.90 4.70 25.41
C ILE A 145 12.10 4.15 26.82
N ASN A 146 13.31 4.14 27.37
CA ASN A 146 13.57 3.46 28.66
C ASN A 146 13.11 4.33 29.83
N MET A 147 12.54 5.51 29.58
CA MET A 147 12.12 6.39 30.71
C MET A 147 10.79 5.91 31.34
N VAL A 148 10.02 5.00 30.75
CA VAL A 148 8.91 4.35 31.51
C VAL A 148 9.51 3.50 32.63
N SER A 149 10.44 2.60 32.32
CA SER A 149 11.19 1.81 33.32
C SER A 149 11.93 2.73 34.30
N GLY A 150 12.63 3.75 33.81
CA GLY A 150 13.40 4.70 34.66
C GLY A 150 12.49 5.43 35.66
N PHE A 151 11.45 6.10 35.17
CA PHE A 151 10.52 6.86 36.04
C PHE A 151 9.79 5.94 37.02
N LEU A 152 9.33 4.77 36.56
CA LEU A 152 8.59 3.87 37.47
C LEU A 152 9.52 3.45 38.60
N SER A 153 10.77 3.11 38.26
CA SER A 153 11.76 2.66 39.26
C SER A 153 11.99 3.80 40.28
N ILE A 154 12.11 5.03 39.82
CA ILE A 154 12.36 6.20 40.71
C ILE A 154 11.14 6.45 41.61
N HIS A 155 9.95 6.49 41.01
CA HIS A 155 8.68 6.73 41.74
C HIS A 155 8.44 5.67 42.80
N LEU A 156 8.76 4.39 42.56
CA LEU A 156 8.41 3.32 43.53
C LEU A 156 9.64 2.78 44.25
N GLY A 157 10.84 3.26 43.95
CA GLY A 157 12.08 2.77 44.59
C GLY A 157 12.47 1.34 44.19
N LEU A 158 12.30 0.96 42.93
CA LEU A 158 12.57 -0.41 42.42
C LEU A 158 14.01 -0.48 41.97
N GLN A 159 14.78 -1.39 42.53
CA GLN A 159 16.24 -1.37 42.28
C GLN A 159 16.69 -2.62 41.51
N GLY A 160 15.76 -3.45 41.07
CA GLY A 160 16.09 -4.65 40.30
C GLY A 160 16.40 -4.31 38.84
N PRO A 161 16.47 -5.36 37.98
CA PRO A 161 16.80 -5.19 36.56
C PRO A 161 15.85 -4.16 35.98
N ASN A 162 16.42 -3.28 35.17
CA ASN A 162 15.73 -2.07 34.71
C ASN A 162 16.10 -1.89 33.23
N TYR A 163 15.18 -2.16 32.30
CA TYR A 163 15.51 -2.09 30.86
C TYR A 163 14.26 -1.93 30.01
N ALA A 164 14.42 -1.76 28.69
CA ALA A 164 13.31 -1.55 27.75
C ALA A 164 13.67 -2.19 26.41
N LEU A 165 12.72 -2.96 25.89
CA LEU A 165 12.70 -3.61 24.54
C LEU A 165 12.09 -2.63 23.57
N THR A 166 12.53 -2.68 22.32
CA THR A 166 11.84 -1.98 21.23
C THR A 166 11.86 -2.92 20.02
N THR A 167 10.78 -3.68 19.86
CA THR A 167 10.69 -4.69 18.77
C THR A 167 9.38 -4.54 18.03
N ALA A 168 9.02 -3.30 17.70
CA ALA A 168 7.82 -2.96 16.94
C ALA A 168 6.61 -3.62 17.58
N ALA A 169 5.75 -4.30 16.82
CA ALA A 169 4.53 -4.92 17.36
C ALA A 169 4.85 -6.04 18.36
N THR A 170 6.09 -6.55 18.43
CA THR A 170 6.41 -7.65 19.36
C THR A 170 6.87 -7.13 20.73
N THR A 171 7.02 -5.81 20.88
CA THR A 171 7.63 -5.19 22.08
C THR A 171 6.99 -5.72 23.38
N GLY A 172 5.67 -5.65 23.50
CA GLY A 172 5.04 -6.03 24.78
C GLY A 172 5.20 -7.50 25.08
N THR A 173 5.19 -8.35 24.04
CA THR A 173 5.36 -9.83 24.20
C THR A 173 6.79 -10.10 24.66
N HIS A 174 7.77 -9.52 23.99
CA HIS A 174 9.19 -9.68 24.37
C HIS A 174 9.41 -9.14 25.78
N SER A 175 8.82 -7.99 26.11
CA SER A 175 9.03 -7.35 27.43
C SER A 175 8.59 -8.31 28.53
N ILE A 176 7.41 -8.91 28.40
CA ILE A 176 6.85 -9.87 29.37
C ILE A 176 7.65 -11.17 29.37
N GLY A 177 8.00 -11.73 28.20
CA GLY A 177 8.77 -12.98 28.14
C GLY A 177 10.13 -12.84 28.81
N MET A 178 10.86 -11.75 28.53
CA MET A 178 12.22 -11.53 29.08
C MET A 178 12.17 -11.18 30.57
N ALA A 179 11.14 -10.46 31.00
CA ALA A 179 10.92 -10.26 32.44
C ALA A 179 10.69 -11.62 33.11
N ALA A 180 9.89 -12.51 32.51
CA ALA A 180 9.63 -13.85 33.09
C ALA A 180 10.95 -14.62 33.22
N ARG A 181 11.84 -14.54 32.23
CA ARG A 181 13.18 -15.17 32.26
C ARG A 181 14.00 -14.65 33.44
N ASN A 182 13.96 -13.34 33.71
CA ASN A 182 14.69 -12.72 34.84
C ASN A 182 14.26 -13.39 36.14
N ILE A 183 12.97 -13.56 36.32
CA ILE A 183 12.44 -14.21 37.54
C ILE A 183 12.79 -15.70 37.53
N ALA A 184 12.55 -16.42 36.42
CA ALA A 184 12.86 -17.86 36.28
C ALA A 184 14.31 -18.14 36.71
N TYR A 185 15.23 -17.26 36.36
CA TYR A 185 16.70 -17.47 36.47
C TYR A 185 17.17 -16.92 37.83
N GLY A 186 16.30 -16.26 38.60
CA GLY A 186 16.65 -15.76 39.94
C GLY A 186 17.23 -14.36 39.94
N GLU A 187 17.19 -13.60 38.85
CA GLU A 187 17.69 -12.19 38.82
C GLU A 187 16.69 -11.22 39.49
N ALA A 188 15.43 -11.63 39.67
CA ALA A 188 14.37 -10.79 40.29
C ALA A 188 13.34 -11.74 40.88
N ASP A 189 12.58 -11.30 41.88
CA ASP A 189 11.40 -12.06 42.39
C ASP A 189 10.12 -11.48 41.76
N VAL A 190 10.16 -10.21 41.34
CA VAL A 190 9.00 -9.47 40.79
C VAL A 190 9.47 -8.60 39.64
N MET A 191 8.69 -8.54 38.58
CA MET A 191 8.99 -7.59 37.49
C MET A 191 7.67 -6.94 37.07
N VAL A 192 7.71 -5.67 36.78
CA VAL A 192 6.59 -4.98 36.08
C VAL A 192 6.95 -4.94 34.60
N ALA A 193 6.11 -5.53 33.74
CA ALA A 193 6.48 -5.70 32.32
C ALA A 193 5.28 -5.38 31.42
N GLY A 194 5.60 -4.89 30.24
CA GLY A 194 4.59 -4.59 29.21
C GLY A 194 5.11 -3.51 28.30
N GLY A 195 4.21 -2.66 27.84
CA GLY A 195 4.51 -1.75 26.74
C GLY A 195 3.55 -0.61 26.66
N SER A 196 3.93 0.43 25.93
CA SER A 196 3.04 1.59 25.73
C SER A 196 3.35 2.21 24.38
N GLU A 197 2.33 2.85 23.82
CA GLU A 197 2.45 3.50 22.51
C GLU A 197 1.53 4.71 22.44
N MET A 198 2.04 5.78 21.81
CA MET A 198 1.24 6.95 21.36
CA MET A 198 1.21 6.91 21.33
C MET A 198 1.87 7.44 20.06
N ALA A 199 1.46 6.90 18.92
CA ALA A 199 2.07 7.23 17.61
C ALA A 199 1.08 8.01 16.71
N ALA A 200 -0.10 8.42 17.21
CA ALA A 200 -1.11 9.19 16.42
C ALA A 200 -0.76 10.69 16.44
N CYS A 201 0.38 11.03 15.85
CA CYS A 201 0.73 12.41 15.43
C CYS A 201 0.89 12.38 13.92
N GLY A 202 1.17 13.54 13.33
CA GLY A 202 1.37 13.68 11.88
C GLY A 202 2.39 12.69 11.38
N LEU A 203 3.52 12.57 12.07
CA LEU A 203 4.58 11.63 11.63
C LEU A 203 4.10 10.18 11.66
N GLY A 204 3.31 9.81 12.66
CA GLY A 204 2.85 8.41 12.80
C GLY A 204 1.82 8.05 11.74
N LEU A 205 0.72 8.80 11.69
CA LEU A 205 -0.35 8.58 10.69
C LEU A 205 0.25 8.75 9.29
N GLY A 206 1.04 9.81 9.11
CA GLY A 206 1.72 10.10 7.85
C GLY A 206 2.67 8.98 7.49
N GLY A 207 3.46 8.53 8.45
CA GLY A 207 4.45 7.44 8.27
C GLY A 207 3.84 6.16 7.81
N PHE A 208 2.86 5.67 8.58
CA PHE A 208 2.21 4.38 8.28
C PHE A 208 1.41 4.52 6.99
N GLY A 209 0.80 5.68 6.79
CA GLY A 209 0.05 6.02 5.55
C GLY A 209 0.95 6.01 4.33
N ALA A 210 2.13 6.61 4.42
CA ALA A 210 3.09 6.67 3.30
C ALA A 210 3.52 5.24 2.95
N ALA A 211 3.56 4.32 3.93
CA ALA A 211 3.89 2.88 3.70
C ALA A 211 2.66 2.10 3.19
N ARG A 212 1.50 2.74 3.07
CA ARG A 212 0.21 2.10 2.66
C ARG A 212 -0.12 0.95 3.63
N ALA A 213 0.17 1.11 4.93
CA ALA A 213 0.00 0.02 5.90
C ALA A 213 -1.38 0.11 6.58
N LEU A 214 -2.05 1.27 6.49
CA LEU A 214 -3.30 1.56 7.24
C LEU A 214 -4.55 1.33 6.39
N SER A 215 -5.63 0.85 7.02
CA SER A 215 -6.98 0.88 6.42
C SER A 215 -7.32 2.34 6.12
N THR A 216 -7.97 2.59 4.98
CA THR A 216 -8.47 3.93 4.59
C THR A 216 -9.99 3.95 4.61
N ARG A 217 -10.65 3.10 5.40
CA ARG A 217 -12.14 3.02 5.45
C ARG A 217 -12.71 4.15 6.34
N ASN A 218 -12.53 5.38 5.90
CA ASN A 218 -12.89 6.58 6.69
C ASN A 218 -14.41 6.70 6.86
N ASP A 219 -15.19 6.10 5.97
CA ASP A 219 -16.68 6.18 6.05
C ASP A 219 -17.22 5.24 7.14
N GLU A 220 -16.48 4.20 7.54
CA GLU A 220 -16.99 3.27 8.60
C GLU A 220 -15.82 2.84 9.50
N PRO A 221 -15.29 3.75 10.33
CA PRO A 221 -14.10 3.42 11.12
C PRO A 221 -14.26 2.19 12.01
N THR A 222 -15.42 1.97 12.63
CA THR A 222 -15.63 0.79 13.52
C THR A 222 -15.58 -0.53 12.71
N ARG A 223 -15.70 -0.46 11.40
CA ARG A 223 -15.67 -1.67 10.53
C ARG A 223 -14.32 -1.84 9.85
N ALA A 224 -13.34 -0.95 10.08
CA ALA A 224 -12.08 -0.93 9.30
C ALA A 224 -11.22 -2.14 9.70
N SER A 225 -11.14 -2.43 10.99
CA SER A 225 -10.29 -3.51 11.52
C SER A 225 -11.06 -4.82 11.39
N ARG A 226 -10.68 -5.63 10.41
CA ARG A 226 -11.47 -6.85 10.05
C ARG A 226 -10.52 -8.00 9.74
N PRO A 227 -9.83 -8.51 10.77
CA PRO A 227 -8.89 -9.61 10.62
C PRO A 227 -9.52 -10.84 9.95
N TRP A 228 -8.83 -11.39 8.95
CA TRP A 228 -9.16 -12.60 8.16
C TRP A 228 -10.37 -12.39 7.25
N ASP A 229 -10.92 -11.19 7.22
CA ASP A 229 -12.07 -10.88 6.33
C ASP A 229 -11.55 -10.61 4.92
N ARG A 230 -12.27 -11.07 3.90
CA ARG A 230 -11.80 -10.89 2.51
C ARG A 230 -11.64 -9.40 2.13
N ASP A 231 -12.31 -8.47 2.80
CA ASP A 231 -12.24 -7.01 2.48
C ASP A 231 -11.26 -6.24 3.38
N ARG A 232 -10.43 -6.92 4.18
CA ARG A 232 -9.38 -6.24 5.00
C ARG A 232 -8.44 -5.44 4.08
N ASP A 233 -7.91 -4.32 4.57
CA ASP A 233 -7.13 -3.35 3.75
C ASP A 233 -6.08 -2.64 4.62
N GLY A 234 -5.57 -3.29 5.66
CA GLY A 234 -4.51 -2.69 6.48
C GLY A 234 -4.98 -2.45 7.89
N PHE A 235 -4.03 -2.14 8.76
CA PHE A 235 -4.35 -2.11 10.20
C PHE A 235 -4.85 -0.72 10.55
N VAL A 236 -5.41 -0.65 11.75
CA VAL A 236 -5.93 0.59 12.38
C VAL A 236 -4.96 0.94 13.52
N LEU A 237 -4.46 2.17 13.49
CA LEU A 237 -3.47 2.68 14.46
C LEU A 237 -4.19 3.04 15.76
N SER A 238 -3.67 2.54 16.85
CA SER A 238 -4.25 2.73 18.20
C SER A 238 -3.14 3.06 19.20
N ASP A 239 -3.56 3.61 20.32
CA ASP A 239 -2.71 4.14 21.41
C ASP A 239 -3.08 3.38 22.68
N GLY A 240 -2.12 3.31 23.59
CA GLY A 240 -2.41 2.81 24.93
C GLY A 240 -1.26 2.08 25.54
N SER A 241 -1.55 1.26 26.54
CA SER A 241 -0.48 0.67 27.37
C SER A 241 -1.03 -0.54 28.09
N GLY A 242 -0.12 -1.44 28.42
CA GLY A 242 -0.48 -2.61 29.22
C GLY A 242 0.67 -2.93 30.11
N ALA A 243 0.40 -3.34 31.34
CA ALA A 243 1.44 -3.76 32.28
C ALA A 243 0.95 -4.97 33.06
N LEU A 244 1.87 -5.90 33.33
CA LEU A 244 1.61 -7.03 34.23
C LEU A 244 2.61 -6.98 35.37
N VAL A 245 2.19 -7.41 36.55
CA VAL A 245 3.14 -7.76 37.64
C VAL A 245 3.35 -9.25 37.58
N LEU A 246 4.57 -9.62 37.20
CA LEU A 246 5.05 -11.01 37.21
C LEU A 246 5.76 -11.25 38.55
N GLU A 247 5.56 -12.43 39.11
CA GLU A 247 6.09 -12.76 40.46
C GLU A 247 6.47 -14.23 40.48
N GLU A 248 7.57 -14.56 41.15
CA GLU A 248 7.92 -15.95 41.48
C GLU A 248 6.76 -16.57 42.32
N LEU A 249 6.38 -17.79 42.01
CA LEU A 249 5.18 -18.46 42.58
C LEU A 249 5.29 -18.54 44.12
N GLU A 250 6.42 -18.97 44.66
CA GLU A 250 6.53 -19.11 46.15
C GLU A 250 6.49 -17.73 46.83
N HIS A 251 7.09 -16.71 46.23
CA HIS A 251 6.96 -15.31 46.70
C HIS A 251 5.48 -14.92 46.73
N ALA A 252 4.70 -15.23 45.69
CA ALA A 252 3.29 -14.80 45.59
C ALA A 252 2.47 -15.52 46.69
N ARG A 253 2.67 -16.84 46.82
CA ARG A 253 2.00 -17.70 47.84
C ARG A 253 2.32 -17.18 49.25
N ALA A 254 3.58 -16.90 49.53
CA ALA A 254 4.06 -16.42 50.85
C ALA A 254 3.25 -15.20 51.30
N ARG A 255 2.94 -14.29 50.39
CA ARG A 255 2.33 -13.01 50.80
C ARG A 255 0.81 -13.08 50.58
N GLY A 256 0.28 -14.26 50.20
CA GLY A 256 -1.15 -14.48 49.89
C GLY A 256 -1.61 -13.60 48.74
N ALA A 257 -0.84 -13.49 47.66
CA ALA A 257 -1.27 -12.71 46.47
C ALA A 257 -2.47 -13.43 45.82
N ARG A 258 -3.32 -12.68 45.15
CA ARG A 258 -4.32 -13.23 44.19
C ARG A 258 -3.57 -13.54 42.88
N ILE A 259 -3.61 -14.78 42.42
CA ILE A 259 -2.88 -15.20 41.19
C ILE A 259 -3.87 -15.33 40.05
N TYR A 260 -3.65 -14.61 38.94
CA TYR A 260 -4.55 -14.67 37.78
C TYR A 260 -4.28 -15.91 36.93
N ALA A 261 -3.00 -16.24 36.71
CA ALA A 261 -2.55 -17.27 35.78
C ALA A 261 -1.07 -17.50 35.99
N GLU A 262 -0.59 -18.55 35.37
CA GLU A 262 0.82 -18.92 35.34
C GLU A 262 1.36 -18.58 33.95
N LEU A 263 2.52 -17.93 33.87
CA LEU A 263 3.21 -17.68 32.57
C LEU A 263 4.19 -18.86 32.39
N VAL A 264 3.88 -19.80 31.52
CA VAL A 264 4.61 -21.11 31.49
C VAL A 264 5.55 -21.16 30.31
N GLY A 265 5.37 -20.38 29.25
CA GLY A 265 6.24 -20.49 28.07
C GLY A 265 6.42 -19.17 27.36
N PHE A 266 7.56 -19.06 26.74
CA PHE A 266 7.92 -17.91 25.91
C PHE A 266 8.81 -18.41 24.77
N GLY A 267 8.43 -18.05 23.56
CA GLY A 267 9.20 -18.39 22.36
C GLY A 267 9.48 -17.17 21.53
N MET A 268 10.56 -17.24 20.77
CA MET A 268 11.01 -16.18 19.85
C MET A 268 11.45 -16.86 18.58
N SER A 269 11.38 -16.14 17.46
CA SER A 269 12.03 -16.54 16.20
C SER A 269 12.18 -15.29 15.36
N GLY A 270 12.97 -15.38 14.30
CA GLY A 270 12.95 -14.40 13.23
C GLY A 270 12.57 -15.11 11.92
N ASP A 271 11.75 -14.46 11.12
CA ASP A 271 11.38 -14.92 9.76
C ASP A 271 12.61 -14.93 8.85
N ALA A 272 13.49 -13.93 8.99
CA ALA A 272 14.61 -13.69 8.04
C ALA A 272 14.12 -13.72 6.58
N PHE A 273 13.02 -13.04 6.28
CA PHE A 273 12.37 -13.10 4.96
C PHE A 273 12.22 -11.71 4.33
N HIS A 274 11.51 -10.78 4.96
CA HIS A 274 11.23 -9.43 4.40
C HIS A 274 11.00 -8.44 5.54
N MET A 275 11.27 -7.15 5.30
CA MET A 275 11.21 -6.09 6.33
C MET A 275 9.78 -5.90 6.88
N THR A 276 8.73 -6.23 6.11
CA THR A 276 7.30 -5.90 6.42
C THR A 276 6.33 -7.04 6.10
N ALA A 277 6.64 -7.88 5.11
CA ALA A 277 5.79 -8.97 4.60
C ALA A 277 6.26 -10.29 5.20
N PRO A 278 5.35 -11.11 5.77
CA PRO A 278 5.74 -12.43 6.28
C PRO A 278 5.82 -13.42 5.12
N PRO A 279 6.51 -14.58 5.27
CA PRO A 279 6.40 -15.66 4.29
C PRO A 279 4.94 -16.16 4.30
N GLU A 280 4.39 -16.50 3.14
CA GLU A 280 2.97 -16.89 2.97
C GLU A 280 2.62 -18.12 3.83
N ASP A 281 3.57 -19.04 4.07
CA ASP A 281 3.30 -20.25 4.90
C ASP A 281 3.50 -19.95 6.40
N GLY A 282 3.94 -18.75 6.78
CA GLY A 282 4.08 -18.38 8.21
C GLY A 282 5.05 -19.28 8.96
N ALA A 283 6.11 -19.74 8.28
CA ALA A 283 7.12 -20.68 8.84
C ALA A 283 7.72 -20.08 10.13
N GLY A 284 7.98 -18.77 10.16
CA GLY A 284 8.61 -18.10 11.31
C GLY A 284 7.68 -18.09 12.51
N ALA A 285 6.39 -17.80 12.28
CA ALA A 285 5.36 -17.82 13.33
C ALA A 285 5.21 -19.24 13.89
N ALA A 286 5.29 -20.26 13.01
CA ALA A 286 5.20 -21.69 13.38
C ALA A 286 6.37 -22.05 14.31
N ARG A 287 7.57 -21.61 13.96
CA ARG A 287 8.79 -21.89 14.79
C ARG A 287 8.59 -21.26 16.15
N CYS A 288 8.07 -20.04 16.16
CA CYS A 288 7.90 -19.25 17.38
C CYS A 288 6.91 -19.93 18.31
N MET A 289 5.77 -20.37 17.79
CA MET A 289 4.74 -21.06 18.61
C MET A 289 5.27 -22.40 19.11
N LYS A 290 6.00 -23.15 18.29
CA LYS A 290 6.59 -24.43 18.73
C LYS A 290 7.60 -24.15 19.83
N ASN A 291 8.44 -23.12 19.66
CA ASN A 291 9.47 -22.76 20.68
C ASN A 291 8.76 -22.47 22.01
N ALA A 292 7.65 -21.73 21.99
CA ALA A 292 6.90 -21.34 23.20
C ALA A 292 6.34 -22.60 23.88
N LEU A 293 5.68 -23.46 23.10
CA LEU A 293 5.06 -24.69 23.67
C LEU A 293 6.15 -25.62 24.21
N ARG A 294 7.28 -25.73 23.52
CA ARG A 294 8.40 -26.57 24.01
C ARG A 294 8.95 -25.97 25.31
N ASP A 295 9.03 -24.64 25.40
CA ASP A 295 9.49 -23.92 26.61
C ASP A 295 8.52 -24.21 27.75
N ALA A 296 7.21 -24.34 27.46
CA ALA A 296 6.16 -24.59 28.46
C ALA A 296 6.04 -26.06 28.85
N GLY A 297 6.68 -26.94 28.11
CA GLY A 297 6.49 -28.39 28.35
C GLY A 297 5.08 -28.81 28.00
N LEU A 298 4.48 -28.19 26.99
CA LEU A 298 3.09 -28.51 26.56
C LEU A 298 3.07 -28.99 25.11
N ASP A 299 2.16 -29.91 24.83
CA ASP A 299 1.91 -30.39 23.46
C ASP A 299 0.91 -29.41 22.85
N PRO A 300 0.99 -29.17 21.52
CA PRO A 300 0.00 -28.36 20.82
C PRO A 300 -1.46 -28.72 21.15
N ARG A 301 -1.74 -30.01 21.36
CA ARG A 301 -3.12 -30.49 21.66
C ARG A 301 -3.64 -29.91 22.98
N GLN A 302 -2.78 -29.38 23.85
CA GLN A 302 -3.26 -28.83 25.13
C GLN A 302 -3.71 -27.36 24.96
N VAL A 303 -3.49 -26.74 23.82
CA VAL A 303 -3.86 -25.31 23.64
C VAL A 303 -5.36 -25.22 23.34
N ASP A 304 -6.06 -24.39 24.11
CA ASP A 304 -7.52 -24.12 23.97
C ASP A 304 -7.81 -22.79 23.24
N TYR A 305 -7.05 -21.75 23.50
CA TYR A 305 -7.33 -20.40 22.96
C TYR A 305 -6.02 -19.76 22.47
N ILE A 306 -6.08 -19.12 21.32
CA ILE A 306 -4.99 -18.26 20.79
C ILE A 306 -5.54 -16.85 20.61
N ASN A 307 -4.86 -15.91 21.23
CA ASN A 307 -5.04 -14.46 20.93
C ASN A 307 -4.02 -14.16 19.83
N ALA A 308 -4.53 -14.03 18.62
CA ALA A 308 -3.74 -13.96 17.38
C ALA A 308 -3.10 -12.58 17.27
N HIS A 309 -2.06 -12.50 16.47
CA HIS A 309 -1.49 -11.22 16.01
C HIS A 309 -2.58 -10.48 15.23
N GLY A 310 -3.15 -11.14 14.21
CA GLY A 310 -4.35 -10.76 13.42
C GLY A 310 -4.55 -9.26 13.27
N THR A 311 -3.73 -8.57 12.46
CA THR A 311 -3.72 -7.09 12.38
C THR A 311 -4.67 -6.55 11.30
N SER A 312 -5.28 -7.40 10.48
CA SER A 312 -6.17 -6.96 9.38
C SER A 312 -5.35 -6.54 8.15
N THR A 313 -4.19 -7.13 7.92
CA THR A 313 -3.40 -6.93 6.69
C THR A 313 -3.62 -8.10 5.75
N PRO A 314 -3.57 -7.91 4.42
CA PRO A 314 -3.70 -9.02 3.48
C PRO A 314 -2.76 -10.22 3.74
N ALA A 315 -1.46 -9.99 3.75
CA ALA A 315 -0.51 -11.12 3.87
C ALA A 315 -0.43 -11.70 5.29
N GLY A 316 -0.39 -10.84 6.30
CA GLY A 316 -0.17 -11.34 7.67
C GLY A 316 -1.26 -12.25 8.18
N ASP A 317 -2.51 -11.86 7.97
CA ASP A 317 -3.63 -12.63 8.55
C ASP A 317 -3.60 -14.07 8.04
N ILE A 318 -3.34 -14.24 6.75
CA ILE A 318 -3.45 -15.62 6.18
C ILE A 318 -2.19 -16.41 6.53
N ALA A 319 -1.04 -15.76 6.70
CA ALA A 319 0.21 -16.43 7.13
C ALA A 319 0.01 -17.00 8.55
N GLU A 320 -0.72 -16.30 9.41
CA GLU A 320 -0.95 -16.76 10.79
C GLU A 320 -1.85 -18.00 10.77
N ILE A 321 -2.87 -18.05 9.91
CA ILE A 321 -3.74 -19.26 9.76
C ILE A 321 -2.85 -20.44 9.35
N ALA A 322 -2.01 -20.23 8.34
CA ALA A 322 -1.11 -21.28 7.80
C ALA A 322 -0.24 -21.83 8.94
N ALA A 323 0.35 -20.94 9.74
CA ALA A 323 1.25 -21.31 10.85
C ALA A 323 0.48 -22.10 11.91
N VAL A 324 -0.75 -21.65 12.24
CA VAL A 324 -1.60 -22.37 13.23
C VAL A 324 -1.93 -23.77 12.69
N LYS A 325 -2.29 -23.90 11.42
CA LYS A 325 -2.55 -25.25 10.82
C LYS A 325 -1.29 -26.13 10.86
N SER A 326 -0.12 -25.58 10.55
CA SER A 326 1.17 -26.33 10.59
CA SER A 326 1.16 -26.34 10.59
C SER A 326 1.44 -26.84 12.01
N VAL A 327 1.25 -26.00 13.02
CA VAL A 327 1.67 -26.35 14.40
C VAL A 327 0.64 -27.31 15.01
N PHE A 328 -0.64 -27.03 14.81
CA PHE A 328 -1.70 -27.71 15.61
C PHE A 328 -2.31 -28.90 14.85
N GLY A 329 -2.07 -29.03 13.54
CA GLY A 329 -2.66 -30.11 12.72
C GLY A 329 -4.18 -30.22 12.93
N GLU A 330 -4.69 -31.40 13.24
CA GLU A 330 -6.17 -31.61 13.35
C GLU A 330 -6.73 -30.78 14.50
N HIS A 331 -5.94 -30.57 15.56
CA HIS A 331 -6.38 -29.82 16.77
C HIS A 331 -6.62 -28.35 16.37
N ALA A 332 -6.09 -27.90 15.24
CA ALA A 332 -6.30 -26.52 14.73
C ALA A 332 -7.80 -26.25 14.63
N HIS A 333 -8.61 -27.28 14.38
CA HIS A 333 -10.10 -27.13 14.28
C HIS A 333 -10.77 -27.29 15.66
N ALA A 334 -10.04 -27.63 16.73
CA ALA A 334 -10.64 -27.74 18.09
C ALA A 334 -10.40 -26.49 18.94
N LEU A 335 -9.29 -25.78 18.74
CA LEU A 335 -8.98 -24.57 19.55
C LEU A 335 -9.79 -23.40 18.99
N SER A 336 -9.89 -22.35 19.78
CA SER A 336 -10.50 -21.05 19.41
C SER A 336 -9.37 -20.05 19.22
N MET A 337 -9.43 -19.32 18.13
CA MET A 337 -8.45 -18.25 17.85
C MET A 337 -9.20 -16.95 17.55
N SER A 338 -8.82 -15.84 18.16
CA SER A 338 -9.47 -14.56 17.82
C SER A 338 -8.45 -13.45 17.82
N SER A 339 -8.78 -12.39 17.13
CA SER A 339 -8.00 -11.13 17.17
C SER A 339 -8.85 -10.08 17.87
N THR A 340 -8.38 -9.66 19.02
CA THR A 340 -8.96 -8.52 19.76
C THR A 340 -8.61 -7.21 19.07
N LYS A 341 -7.71 -7.20 18.09
CA LYS A 341 -7.39 -5.98 17.31
C LYS A 341 -8.59 -5.59 16.44
N SER A 342 -9.50 -6.52 16.18
CA SER A 342 -10.82 -6.22 15.56
C SER A 342 -11.53 -5.10 16.32
N MET A 343 -11.40 -5.05 17.64
CA MET A 343 -12.04 -4.02 18.51
C MET A 343 -11.06 -2.92 18.86
N THR A 344 -9.80 -3.25 19.18
CA THR A 344 -8.86 -2.27 19.78
C THR A 344 -8.08 -1.52 18.73
N GLY A 345 -8.01 -2.07 17.53
CA GLY A 345 -6.97 -1.73 16.54
C GLY A 345 -5.60 -2.18 17.03
N HIS A 346 -4.56 -1.73 16.34
CA HIS A 346 -3.17 -2.15 16.54
C HIS A 346 -2.44 -1.17 17.46
N LEU A 347 -2.19 -1.55 18.72
CA LEU A 347 -1.51 -0.68 19.70
C LEU A 347 0.02 -0.81 19.55
N LEU A 348 0.53 -1.40 18.47
CA LEU A 348 2.00 -1.42 18.17
C LEU A 348 2.76 -1.98 19.39
N GLY A 349 3.61 -1.19 20.03
CA GLY A 349 4.46 -1.70 21.13
C GLY A 349 3.68 -2.10 22.37
N ALA A 350 2.42 -1.67 22.50
CA ALA A 350 1.54 -2.07 23.62
C ALA A 350 0.66 -3.27 23.25
N ALA A 351 0.58 -3.64 21.96
CA ALA A 351 -0.38 -4.68 21.50
C ALA A 351 -0.12 -5.98 22.27
N GLY A 352 1.14 -6.42 22.38
CA GLY A 352 1.47 -7.68 23.09
C GLY A 352 1.09 -7.64 24.56
N ALA A 353 1.23 -6.49 25.20
CA ALA A 353 0.93 -6.32 26.64
C ALA A 353 -0.59 -6.40 26.84
N VAL A 354 -1.37 -5.66 26.06
CA VAL A 354 -2.85 -5.70 26.27
C VAL A 354 -3.38 -7.06 25.86
N GLU A 355 -2.81 -7.70 24.84
CA GLU A 355 -3.28 -9.04 24.41
C GLU A 355 -2.88 -10.13 25.41
N ALA A 356 -1.75 -9.98 26.12
CA ALA A 356 -1.39 -10.90 27.21
C ALA A 356 -2.48 -10.76 28.28
N ILE A 357 -2.88 -9.53 28.59
CA ILE A 357 -3.92 -9.28 29.63
C ILE A 357 -5.23 -9.94 29.20
N PHE A 358 -5.65 -9.75 27.94
CA PHE A 358 -6.89 -10.38 27.44
C PHE A 358 -6.79 -11.92 27.47
N SER A 359 -5.61 -12.47 27.21
CA SER A 359 -5.38 -13.93 27.26
C SER A 359 -5.55 -14.44 28.71
N VAL A 360 -4.99 -13.72 29.69
CA VAL A 360 -5.10 -14.05 31.13
C VAL A 360 -6.57 -13.97 31.55
N LEU A 361 -7.28 -12.93 31.13
CA LEU A 361 -8.71 -12.77 31.51
C LEU A 361 -9.56 -13.82 30.79
N ALA A 362 -9.19 -14.29 29.59
CA ALA A 362 -9.87 -15.41 28.91
C ALA A 362 -9.77 -16.66 29.79
N LEU A 363 -8.65 -16.86 30.48
CA LEU A 363 -8.45 -17.98 31.40
C LEU A 363 -9.31 -17.74 32.65
N ARG A 364 -9.26 -16.54 33.24
CA ARG A 364 -10.06 -16.24 34.45
C ARG A 364 -11.55 -16.53 34.14
N ASP A 365 -12.09 -16.02 33.03
CA ASP A 365 -13.55 -15.97 32.79
C ASP A 365 -14.02 -17.15 31.93
N GLN A 366 -13.13 -17.98 31.40
CA GLN A 366 -13.52 -19.14 30.57
C GLN A 366 -14.39 -18.65 29.38
N VAL A 367 -13.83 -17.72 28.64
CA VAL A 367 -14.53 -17.08 27.49
C VAL A 367 -13.49 -16.66 26.45
N ALA A 368 -13.69 -17.07 25.20
CA ALA A 368 -12.89 -16.62 24.04
C ALA A 368 -13.49 -15.32 23.55
N PRO A 369 -12.74 -14.19 23.59
CA PRO A 369 -13.23 -12.93 23.07
C PRO A 369 -13.44 -13.04 21.58
N PRO A 370 -14.34 -12.21 20.99
CA PRO A 370 -14.69 -12.32 19.58
C PRO A 370 -13.68 -11.67 18.62
N THR A 371 -13.66 -12.11 17.37
CA THR A 371 -13.14 -11.32 16.23
C THR A 371 -14.35 -10.61 15.63
N ILE A 372 -14.55 -9.32 15.93
CA ILE A 372 -15.67 -8.57 15.29
C ILE A 372 -15.30 -8.27 13.83
N ASN A 373 -16.33 -7.95 13.03
CA ASN A 373 -16.20 -7.53 11.60
C ASN A 373 -15.79 -8.71 10.72
N LEU A 374 -15.77 -9.94 11.22
CA LEU A 374 -15.37 -11.09 10.38
C LEU A 374 -16.62 -11.60 9.61
N ASP A 375 -17.03 -10.81 8.62
CA ASP A 375 -18.29 -10.98 7.85
C ASP A 375 -18.12 -12.13 6.85
N ASN A 376 -17.04 -12.13 6.10
CA ASN A 376 -16.71 -13.03 4.97
C ASN A 376 -15.27 -13.50 5.12
N PRO A 377 -15.03 -14.59 5.86
CA PRO A 377 -13.69 -15.14 6.01
C PRO A 377 -13.03 -15.47 4.67
N ASP A 378 -11.76 -15.10 4.55
CA ASP A 378 -11.01 -15.26 3.28
C ASP A 378 -10.74 -16.76 3.07
N GLU A 379 -10.27 -17.09 1.86
CA GLU A 379 -9.89 -18.47 1.44
C GLU A 379 -8.96 -19.06 2.50
N GLY A 380 -9.30 -20.22 3.06
CA GLY A 380 -8.45 -20.97 4.01
C GLY A 380 -8.68 -20.56 5.45
N CYS A 381 -9.48 -19.53 5.72
CA CYS A 381 -9.71 -18.98 7.09
C CYS A 381 -10.94 -19.65 7.68
N ASP A 382 -10.85 -20.98 7.83
CA ASP A 382 -11.98 -21.89 8.15
C ASP A 382 -11.81 -22.43 9.58
N LEU A 383 -10.95 -21.82 10.39
CA LEU A 383 -10.77 -22.23 11.82
C LEU A 383 -11.91 -21.64 12.63
N ASP A 384 -12.00 -21.98 13.92
CA ASP A 384 -12.90 -21.24 14.83
C ASP A 384 -12.25 -19.89 15.20
N LEU A 385 -12.63 -18.83 14.49
CA LEU A 385 -12.04 -17.47 14.70
C LEU A 385 -12.96 -16.65 15.61
N VAL A 386 -13.95 -17.30 16.23
CA VAL A 386 -14.87 -16.67 17.22
C VAL A 386 -15.50 -15.43 16.58
N ALA A 387 -15.97 -15.57 15.35
CA ALA A 387 -16.55 -14.42 14.63
C ALA A 387 -17.71 -13.76 15.38
N HIS A 388 -17.71 -12.42 15.43
CA HIS A 388 -18.87 -11.64 15.93
C HIS A 388 -19.11 -11.68 17.44
N GLU A 389 -19.18 -12.85 18.05
CA GLU A 389 -19.61 -12.93 19.48
C GLU A 389 -18.67 -13.71 20.39
N ALA A 390 -18.54 -13.25 21.63
CA ALA A 390 -17.72 -13.96 22.66
C ALA A 390 -18.24 -15.39 22.82
N LYS A 391 -17.35 -16.36 22.96
CA LYS A 391 -17.76 -17.77 23.13
C LYS A 391 -17.24 -18.32 24.45
N PRO A 392 -18.16 -18.54 25.43
CA PRO A 392 -17.84 -19.31 26.62
C PRO A 392 -17.35 -20.71 26.23
N ARG A 393 -16.22 -21.12 26.80
CA ARG A 393 -15.66 -22.47 26.54
C ARG A 393 -14.59 -22.76 27.58
N LYS A 394 -14.21 -24.02 27.66
CA LYS A 394 -13.10 -24.49 28.52
C LYS A 394 -11.80 -23.92 27.96
N ILE A 395 -11.06 -23.21 28.80
CA ILE A 395 -9.70 -22.72 28.44
C ILE A 395 -8.75 -23.04 29.59
N ASP A 396 -7.86 -24.00 29.37
CA ASP A 396 -6.83 -24.36 30.37
C ASP A 396 -5.54 -23.63 29.99
N VAL A 397 -5.29 -23.52 28.69
CA VAL A 397 -4.02 -23.00 28.11
C VAL A 397 -4.35 -21.96 27.03
N ALA A 398 -3.77 -20.76 27.15
CA ALA A 398 -3.93 -19.69 26.15
C ALA A 398 -2.58 -19.25 25.62
N LEU A 399 -2.53 -19.02 24.31
CA LEU A 399 -1.33 -18.51 23.60
C LEU A 399 -1.60 -17.08 23.18
N SER A 400 -0.58 -16.23 23.17
CA SER A 400 -0.66 -14.87 22.62
C SER A 400 0.50 -14.69 21.66
N ASN A 401 0.23 -14.33 20.43
CA ASN A 401 1.20 -14.18 19.32
C ASN A 401 1.41 -12.72 18.98
N SER A 402 2.64 -12.36 18.63
CA SER A 402 3.03 -11.02 18.14
C SER A 402 4.09 -11.21 17.05
N PHE A 403 3.86 -10.63 15.90
CA PHE A 403 4.73 -10.75 14.69
C PHE A 403 5.00 -9.32 14.22
N GLY A 404 6.24 -8.87 14.31
CA GLY A 404 6.60 -7.45 14.12
C GLY A 404 7.42 -7.17 12.87
N PHE A 405 7.52 -5.90 12.48
CA PHE A 405 8.36 -5.46 11.35
C PHE A 405 9.77 -6.01 11.60
N GLY A 406 10.45 -6.43 10.52
CA GLY A 406 11.76 -7.08 10.59
C GLY A 406 11.66 -8.60 10.75
N GLY A 407 10.43 -9.12 10.79
CA GLY A 407 10.16 -10.55 10.95
C GLY A 407 10.50 -11.04 12.36
N THR A 408 10.35 -10.18 13.35
CA THR A 408 10.63 -10.53 14.76
C THR A 408 9.34 -11.11 15.34
N ASN A 409 9.40 -12.31 15.91
CA ASN A 409 8.23 -13.04 16.42
C ASN A 409 8.41 -13.34 17.91
N GLY A 410 7.28 -13.33 18.61
CA GLY A 410 7.18 -13.71 20.01
C GLY A 410 5.85 -14.34 20.29
N THR A 411 5.85 -15.29 21.21
CA THR A 411 4.65 -16.04 21.66
C THR A 411 4.79 -16.23 23.17
N LEU A 412 3.72 -15.93 23.88
CA LEU A 412 3.58 -16.23 25.33
C LEU A 412 2.53 -17.31 25.51
N VAL A 413 2.81 -18.23 26.43
CA VAL A 413 1.88 -19.32 26.81
C VAL A 413 1.49 -19.13 28.28
N PHE A 414 0.20 -19.04 28.56
CA PHE A 414 -0.38 -18.88 29.91
C PHE A 414 -1.22 -20.13 30.22
N ARG A 415 -1.24 -20.51 31.49
CA ARG A 415 -2.02 -21.68 31.98
C ARG A 415 -2.87 -21.23 33.17
N ARG A 416 -4.06 -21.80 33.35
CA ARG A 416 -4.81 -21.65 34.63
C ARG A 416 -3.97 -22.25 35.75
N PHE A 417 -3.90 -21.60 36.88
CA PHE A 417 -2.86 -21.90 37.89
C PHE A 417 -3.28 -23.11 38.73
N ARG B 8 21.00 16.84 -28.98
CA ARG B 8 22.44 16.54 -28.73
C ARG B 8 22.63 16.01 -27.30
N ARG B 9 21.83 16.46 -26.33
CA ARG B 9 21.97 15.84 -24.97
C ARG B 9 21.17 14.52 -24.93
N ARG B 10 21.64 13.55 -24.15
CA ARG B 10 21.02 12.21 -24.05
C ARG B 10 19.98 12.21 -22.94
N VAL B 11 18.92 11.43 -23.13
CA VAL B 11 17.72 11.43 -22.26
C VAL B 11 17.46 10.03 -21.75
N VAL B 12 17.26 9.91 -20.46
CA VAL B 12 17.09 8.60 -19.82
C VAL B 12 15.80 8.69 -19.03
N ILE B 13 15.28 7.53 -18.71
CA ILE B 13 14.07 7.32 -17.89
C ILE B 13 14.51 6.95 -16.48
N THR B 14 14.07 7.70 -15.48
CA THR B 14 14.45 7.56 -14.06
C THR B 14 13.26 7.23 -13.19
N GLY B 15 12.05 7.25 -13.71
CA GLY B 15 10.87 7.13 -12.87
C GLY B 15 9.67 6.79 -13.72
N MET B 16 8.80 5.91 -13.23
CA MET B 16 7.58 5.53 -13.98
C MET B 16 6.42 5.40 -13.03
N GLY B 17 5.22 5.68 -13.53
CA GLY B 17 3.99 5.61 -12.73
C GLY B 17 2.86 5.21 -13.62
N MET B 18 1.87 4.51 -13.07
CA MET B 18 0.76 4.02 -13.91
C MET B 18 -0.49 3.72 -13.08
N LEU B 19 -1.64 3.93 -13.72
CA LEU B 19 -2.93 3.31 -13.35
C LEU B 19 -3.41 2.59 -14.61
N SER B 20 -3.84 1.36 -14.50
CA SER B 20 -4.36 0.65 -15.69
C SER B 20 -5.46 -0.30 -15.24
N PRO B 21 -6.19 -0.87 -16.22
CA PRO B 21 -7.13 -1.95 -15.92
C PRO B 21 -6.49 -3.18 -15.26
N LEU B 22 -5.16 -3.28 -15.31
CA LEU B 22 -4.45 -4.41 -14.67
C LEU B 22 -3.91 -4.08 -13.29
N GLY B 23 -3.84 -2.81 -12.88
CA GLY B 23 -3.25 -2.52 -11.56
C GLY B 23 -3.18 -1.05 -11.25
N LEU B 24 -3.00 -0.73 -9.96
CA LEU B 24 -2.96 0.67 -9.48
C LEU B 24 -1.53 1.18 -9.42
N ASP B 25 -0.58 0.43 -9.95
CA ASP B 25 0.82 0.89 -10.03
C ASP B 25 1.52 0.10 -11.12
N VAL B 26 2.79 0.39 -11.34
CA VAL B 26 3.62 -0.26 -12.37
C VAL B 26 3.83 -1.73 -12.06
N PRO B 27 4.33 -2.14 -10.87
N PRO B 27 4.36 -2.14 -10.89
CA PRO B 27 4.62 -3.55 -10.63
CA PRO B 27 4.64 -3.56 -10.66
C PRO B 27 3.40 -4.47 -10.77
C PRO B 27 3.40 -4.47 -10.78
N SER B 28 2.24 -4.08 -10.24
CA SER B 28 1.00 -4.87 -10.32
C SER B 28 0.50 -4.94 -11.78
N SER B 29 0.56 -3.83 -12.54
CA SER B 29 0.19 -3.82 -13.97
C SER B 29 1.10 -4.78 -14.74
N TRP B 30 2.40 -4.70 -14.53
CA TRP B 30 3.38 -5.52 -15.28
C TRP B 30 3.22 -7.01 -14.95
N GLU B 31 2.92 -7.32 -13.70
CA GLU B 31 2.67 -8.72 -13.27
C GLU B 31 1.51 -9.28 -14.10
N GLY B 32 0.39 -8.53 -14.21
CA GLY B 32 -0.76 -8.88 -15.06
C GLY B 32 -0.35 -9.06 -16.51
N ILE B 33 0.45 -8.14 -17.04
CA ILE B 33 0.88 -8.21 -18.47
C ILE B 33 1.65 -9.53 -18.68
N LEU B 34 2.64 -9.84 -17.83
CA LEU B 34 3.50 -11.04 -18.03
C LEU B 34 2.69 -12.32 -17.79
N ALA B 35 1.59 -12.27 -17.05
CA ALA B 35 0.70 -13.42 -16.78
C ALA B 35 -0.38 -13.57 -17.87
N GLY B 36 -0.48 -12.64 -18.82
CA GLY B 36 -1.52 -12.66 -19.88
C GLY B 36 -2.91 -12.43 -19.32
N ARG B 37 -3.02 -11.67 -18.25
CA ARG B 37 -4.30 -11.37 -17.57
C ARG B 37 -5.04 -10.29 -18.36
N SER B 38 -6.35 -10.41 -18.53
CA SER B 38 -7.20 -9.34 -19.11
C SER B 38 -7.65 -8.39 -17.99
N GLY B 39 -7.68 -7.09 -18.26
CA GLY B 39 -8.30 -6.11 -17.36
C GLY B 39 -9.69 -5.71 -17.82
N ILE B 40 -10.30 -6.45 -18.75
CA ILE B 40 -11.57 -6.04 -19.38
C ILE B 40 -12.77 -6.70 -18.67
N ALA B 41 -13.80 -5.95 -18.33
CA ALA B 41 -15.00 -6.52 -17.64
C ALA B 41 -16.21 -5.69 -17.98
N PRO B 42 -17.44 -6.21 -17.74
CA PRO B 42 -18.65 -5.39 -17.84
C PRO B 42 -18.51 -4.16 -16.95
N ILE B 43 -18.94 -3.00 -17.43
CA ILE B 43 -18.78 -1.71 -16.69
C ILE B 43 -19.89 -1.65 -15.64
N GLU B 44 -19.58 -1.25 -14.42
CA GLU B 44 -20.49 -1.32 -13.24
C GLU B 44 -20.97 0.06 -12.80
N HIS B 45 -20.22 1.11 -13.14
CA HIS B 45 -20.44 2.47 -12.58
C HIS B 45 -21.62 3.16 -13.29
N MET B 46 -22.34 2.49 -14.21
CA MET B 46 -23.48 3.10 -14.93
C MET B 46 -24.31 2.05 -15.67
N ASP B 47 -25.54 2.43 -16.07
CA ASP B 47 -26.49 1.55 -16.80
C ASP B 47 -26.26 1.68 -18.31
N LEU B 48 -25.84 0.60 -18.93
CA LEU B 48 -25.44 0.60 -20.36
C LEU B 48 -26.39 -0.30 -21.17
N SER B 49 -27.58 -0.60 -20.66
CA SER B 49 -28.52 -1.52 -21.35
C SER B 49 -28.87 -1.01 -22.76
N ALA B 50 -28.85 0.31 -23.02
CA ALA B 50 -29.18 0.91 -24.35
C ALA B 50 -27.96 0.96 -25.29
N TYR B 51 -26.76 0.61 -24.83
CA TYR B 51 -25.50 0.77 -25.60
C TYR B 51 -25.13 -0.55 -26.27
N SER B 52 -24.47 -0.52 -27.43
CA SER B 52 -24.05 -1.76 -28.15
C SER B 52 -22.83 -2.39 -27.47
N THR B 53 -22.07 -1.61 -26.68
CA THR B 53 -20.86 -2.07 -25.96
C THR B 53 -21.03 -1.75 -24.47
N ARG B 54 -20.92 -2.77 -23.63
CA ARG B 54 -21.27 -2.68 -22.19
C ARG B 54 -20.06 -3.06 -21.34
N PHE B 55 -18.89 -3.13 -21.93
CA PHE B 55 -17.67 -3.56 -21.21
C PHE B 55 -16.53 -2.64 -21.61
N GLY B 56 -15.46 -2.70 -20.83
CA GLY B 56 -14.26 -1.91 -21.07
C GLY B 56 -13.25 -2.18 -19.98
N GLY B 57 -12.13 -1.46 -20.05
CA GLY B 57 -11.05 -1.52 -19.07
C GLY B 57 -11.20 -0.39 -18.08
N SER B 58 -11.75 -0.66 -16.89
CA SER B 58 -11.85 0.33 -15.79
C SER B 58 -10.62 0.20 -14.85
N VAL B 59 -10.23 1.29 -14.22
CA VAL B 59 -9.28 1.29 -13.08
C VAL B 59 -10.13 0.81 -11.89
N LYS B 60 -9.71 -0.27 -11.23
CA LYS B 60 -10.47 -0.89 -10.11
C LYS B 60 -9.83 -0.53 -8.76
N GLY B 61 -10.62 0.01 -7.83
CA GLY B 61 -10.18 0.24 -6.44
C GLY B 61 -9.29 1.47 -6.28
N PHE B 62 -9.35 2.43 -7.21
CA PHE B 62 -8.52 3.65 -7.13
C PHE B 62 -8.94 4.48 -5.91
N ASN B 63 -7.97 4.88 -5.07
CA ASN B 63 -8.24 5.79 -3.93
C ASN B 63 -7.49 7.09 -4.12
N VAL B 64 -8.17 8.08 -4.67
CA VAL B 64 -7.56 9.38 -5.00
C VAL B 64 -6.93 9.98 -3.73
N GLU B 65 -7.46 9.67 -2.54
CA GLU B 65 -6.95 10.23 -1.27
C GLU B 65 -5.54 9.72 -0.93
N GLU B 66 -5.07 8.65 -1.58
CA GLU B 66 -3.62 8.33 -1.51
C GLU B 66 -2.77 9.44 -2.13
N TYR B 67 -3.34 10.35 -2.93
CA TYR B 67 -2.54 11.34 -3.71
C TYR B 67 -2.94 12.78 -3.39
N LEU B 68 -4.23 13.02 -3.19
CA LEU B 68 -4.85 14.36 -3.01
C LEU B 68 -5.78 14.30 -1.80
N SER B 69 -6.11 15.46 -1.23
CA SER B 69 -7.24 15.59 -0.26
C SER B 69 -8.57 15.38 -0.97
N ALA B 70 -9.58 14.92 -0.24
CA ALA B 70 -10.97 14.74 -0.71
C ALA B 70 -11.51 16.05 -1.31
N LYS B 71 -11.14 17.17 -0.68
CA LYS B 71 -11.60 18.55 -1.02
C LYS B 71 -11.15 18.84 -2.46
N GLU B 72 -9.84 18.79 -2.70
CA GLU B 72 -9.17 18.94 -4.02
C GLU B 72 -9.78 17.96 -5.03
N ALA B 73 -9.80 16.67 -4.69
CA ALA B 73 -10.25 15.59 -5.58
C ALA B 73 -11.63 15.89 -6.16
N ARG B 74 -12.56 16.46 -5.37
CA ARG B 74 -13.98 16.64 -5.82
C ARG B 74 -14.09 17.75 -6.88
N LYS B 75 -13.04 18.56 -7.06
CA LYS B 75 -13.00 19.64 -8.07
C LYS B 75 -12.41 19.14 -9.40
N LEU B 76 -11.90 17.90 -9.47
CA LEU B 76 -11.10 17.38 -10.64
C LEU B 76 -11.79 16.21 -11.33
N ASP B 77 -11.92 16.26 -12.67
CA ASP B 77 -12.42 15.11 -13.46
C ASP B 77 -11.53 13.91 -13.16
N LEU B 78 -12.05 12.71 -13.30
CA LEU B 78 -11.27 11.48 -13.12
C LEU B 78 -10.02 11.46 -14.02
N PHE B 79 -10.02 12.00 -15.24
CA PHE B 79 -8.82 11.87 -16.13
C PHE B 79 -7.69 12.68 -15.46
N ILE B 80 -8.02 13.74 -14.75
CA ILE B 80 -7.00 14.55 -14.05
C ILE B 80 -6.51 13.78 -12.83
N GLN B 81 -7.42 13.23 -12.04
CA GLN B 81 -7.04 12.40 -10.87
C GLN B 81 -6.08 11.29 -11.29
N TYR B 82 -6.38 10.59 -12.38
CA TYR B 82 -5.55 9.49 -12.87
C TYR B 82 -4.19 9.99 -13.33
N GLY B 83 -4.18 11.10 -14.06
CA GLY B 83 -2.92 11.71 -14.50
C GLY B 83 -2.02 12.14 -13.35
N LEU B 84 -2.61 12.75 -12.32
CA LEU B 84 -1.84 13.19 -11.13
C LEU B 84 -1.27 11.96 -10.40
N ALA B 85 -2.08 10.90 -10.27
CA ALA B 85 -1.66 9.67 -9.57
C ALA B 85 -0.43 9.08 -10.27
N ALA B 86 -0.44 8.93 -11.61
CA ALA B 86 0.69 8.33 -12.35
C ALA B 86 1.89 9.27 -12.19
N SER B 87 1.65 10.57 -12.31
CA SER B 87 2.71 11.60 -12.22
C SER B 87 3.39 11.53 -10.85
N PHE B 88 2.60 11.54 -9.77
CA PHE B 88 3.14 11.49 -8.39
C PHE B 88 3.93 10.19 -8.20
N GLN B 89 3.43 9.07 -8.73
CA GLN B 89 4.16 7.78 -8.64
C GLN B 89 5.51 7.92 -9.34
N ALA B 90 5.54 8.47 -10.58
CA ALA B 90 6.77 8.53 -11.37
C ALA B 90 7.75 9.42 -10.60
N VAL B 91 7.28 10.52 -10.01
CA VAL B 91 8.23 11.50 -9.39
C VAL B 91 8.83 10.85 -8.13
N ARG B 92 8.02 10.15 -7.36
CA ARG B 92 8.50 9.42 -6.16
C ARG B 92 9.48 8.33 -6.61
N ASP B 93 9.16 7.63 -7.69
CA ASP B 93 10.00 6.54 -8.27
C ASP B 93 11.36 7.10 -8.65
N SER B 94 11.43 8.34 -9.16
CA SER B 94 12.68 8.96 -9.67
C SER B 94 13.65 9.30 -8.53
N GLY B 95 13.10 9.58 -7.34
CA GLY B 95 13.84 10.08 -6.16
C GLY B 95 14.30 11.53 -6.33
N LEU B 96 13.81 12.25 -7.34
CA LEU B 96 14.32 13.63 -7.59
C LEU B 96 13.79 14.55 -6.49
N GLU B 97 14.65 15.44 -5.99
CA GLU B 97 14.29 16.50 -5.02
C GLU B 97 14.20 17.83 -5.77
N VAL B 98 13.06 18.50 -5.71
CA VAL B 98 12.82 19.82 -6.35
C VAL B 98 13.27 20.93 -5.37
N THR B 99 14.15 21.81 -5.83
CA THR B 99 14.75 22.92 -5.05
C THR B 99 14.64 24.24 -5.82
N ASP B 100 15.01 25.36 -5.18
CA ASP B 100 15.08 26.69 -5.83
C ASP B 100 16.11 26.63 -6.96
N ALA B 101 17.17 25.82 -6.85
CA ALA B 101 18.23 25.76 -7.88
C ALA B 101 17.78 24.97 -9.11
N ASN B 102 16.74 24.12 -9.07
CA ASN B 102 16.41 23.32 -10.28
C ASN B 102 14.95 23.47 -10.70
N ARG B 103 14.07 24.12 -9.92
CA ARG B 103 12.61 24.10 -10.20
C ARG B 103 12.31 24.74 -11.56
N GLU B 104 13.11 25.70 -12.05
CA GLU B 104 12.89 26.28 -13.40
C GLU B 104 13.26 25.30 -14.52
N ARG B 105 13.96 24.20 -14.19
CA ARG B 105 14.54 23.24 -15.15
C ARG B 105 13.71 21.95 -15.19
N ILE B 106 12.60 21.92 -14.45
CA ILE B 106 11.70 20.74 -14.36
C ILE B 106 10.34 21.15 -14.92
N GLY B 107 9.91 20.45 -15.97
CA GLY B 107 8.60 20.75 -16.60
C GLY B 107 7.68 19.54 -16.63
N VAL B 108 6.55 19.74 -17.28
CA VAL B 108 5.48 18.71 -17.36
C VAL B 108 4.81 18.80 -18.73
N SER B 109 4.61 17.64 -19.32
CA SER B 109 3.80 17.49 -20.54
C SER B 109 2.91 16.25 -20.37
N MET B 110 1.77 16.40 -19.73
CA MET B 110 0.80 15.29 -19.58
C MET B 110 -0.41 15.63 -20.46
N GLY B 111 -0.78 14.74 -21.36
CA GLY B 111 -1.85 15.01 -22.34
C GLY B 111 -3.06 14.13 -22.11
N SER B 112 -4.06 14.35 -22.92
CA SER B 112 -5.26 13.49 -22.95
C SER B 112 -5.85 13.60 -24.34
N GLY B 113 -6.55 12.58 -24.80
CA GLY B 113 -7.17 12.64 -26.13
C GLY B 113 -8.56 13.22 -26.08
N ILE B 114 -9.35 12.89 -25.06
CA ILE B 114 -10.78 13.30 -25.00
C ILE B 114 -10.99 14.26 -23.83
N GLY B 115 -10.27 14.07 -22.73
CA GLY B 115 -10.38 15.04 -21.64
C GLY B 115 -11.50 14.76 -20.66
N GLY B 116 -12.14 15.81 -20.14
CA GLY B 116 -13.09 15.63 -19.02
C GLY B 116 -14.50 15.33 -19.51
N LEU B 117 -14.66 14.27 -20.28
CA LEU B 117 -15.94 13.91 -20.94
C LEU B 117 -17.02 13.67 -19.89
N THR B 118 -16.70 12.91 -18.82
CA THR B 118 -17.61 12.59 -17.68
C THR B 118 -18.09 13.88 -17.02
N ASN B 119 -17.18 14.78 -16.66
CA ASN B 119 -17.52 16.09 -16.04
C ASN B 119 -18.44 16.84 -17.00
N ILE B 120 -18.08 16.84 -18.28
CA ILE B 120 -18.86 17.63 -19.29
C ILE B 120 -20.29 17.08 -19.33
N GLU B 121 -20.43 15.76 -19.33
CA GLU B 121 -21.74 15.07 -19.41
C GLU B 121 -22.56 15.40 -18.17
N ASN B 122 -21.97 15.26 -16.97
CA ASN B 122 -22.64 15.56 -15.67
C ASN B 122 -23.16 17.01 -15.67
N ASN B 123 -22.33 17.97 -16.06
CA ASN B 123 -22.74 19.39 -16.01
C ASN B 123 -23.77 19.66 -17.11
N CYS B 124 -23.71 18.92 -18.21
CA CYS B 124 -24.71 19.07 -19.31
C CYS B 124 -26.08 18.61 -18.82
N ARG B 125 -26.15 17.51 -18.09
CA ARG B 125 -27.44 17.04 -17.53
C ARG B 125 -27.97 18.11 -16.59
N SER B 126 -27.17 18.56 -15.61
CA SER B 126 -27.59 19.67 -14.71
C SER B 126 -28.15 20.81 -15.55
N LEU B 127 -27.38 21.29 -16.54
CA LEU B 127 -27.75 22.39 -17.45
C LEU B 127 -29.14 22.11 -18.06
N PHE B 128 -29.38 20.93 -18.65
CA PHE B 128 -30.65 20.67 -19.38
C PHE B 128 -31.82 20.54 -18.40
N GLU B 129 -31.58 19.97 -17.22
CA GLU B 129 -32.62 19.72 -16.17
C GLU B 129 -32.97 21.01 -15.41
N GLN B 130 -31.98 21.87 -15.10
CA GLN B 130 -32.10 22.99 -14.13
C GLN B 130 -31.48 24.30 -14.64
N GLY B 131 -31.02 24.39 -15.88
CA GLY B 131 -30.37 25.60 -16.43
C GLY B 131 -28.98 25.89 -15.85
N PRO B 132 -28.29 26.96 -16.31
CA PRO B 132 -26.88 27.21 -15.94
C PRO B 132 -26.43 27.46 -14.49
N ARG B 133 -27.34 27.68 -13.55
CA ARG B 133 -26.93 28.03 -12.17
C ARG B 133 -26.45 26.77 -11.44
N ARG B 134 -26.67 25.62 -12.04
CA ARG B 134 -26.26 24.34 -11.42
C ARG B 134 -24.88 23.91 -11.95
N ILE B 135 -24.34 24.64 -12.92
CA ILE B 135 -23.00 24.28 -13.46
C ILE B 135 -22.00 24.53 -12.33
N SER B 136 -21.10 23.59 -12.06
CA SER B 136 -20.08 23.73 -11.00
C SER B 136 -19.16 24.91 -11.35
N PRO B 137 -18.69 25.69 -10.36
CA PRO B 137 -17.63 26.68 -10.58
C PRO B 137 -16.27 26.10 -10.94
N PHE B 138 -16.03 24.82 -10.63
CA PHE B 138 -14.74 24.14 -10.91
C PHE B 138 -14.81 23.42 -12.25
N PHE B 139 -15.95 23.54 -12.95
CA PHE B 139 -16.21 22.85 -14.23
C PHE B 139 -15.08 23.12 -15.21
N VAL B 140 -14.72 24.37 -15.49
CA VAL B 140 -13.65 24.64 -16.49
C VAL B 140 -12.29 24.15 -15.96
N PRO B 141 -11.73 24.68 -14.86
CA PRO B 141 -10.38 24.29 -14.42
C PRO B 141 -10.27 22.82 -14.04
N GLY B 142 -11.41 22.17 -13.72
CA GLY B 142 -11.45 20.75 -13.36
C GLY B 142 -11.65 19.83 -14.55
N SER B 143 -11.85 20.34 -15.76
CA SER B 143 -12.21 19.50 -16.94
C SER B 143 -11.24 19.68 -18.12
N ILE B 144 -10.49 20.77 -18.18
CA ILE B 144 -9.67 21.09 -19.39
C ILE B 144 -8.37 20.29 -19.32
N ILE B 145 -7.89 19.92 -20.50
CA ILE B 145 -6.83 18.89 -20.63
C ILE B 145 -5.52 19.34 -19.98
N ASN B 146 -5.17 20.62 -20.03
CA ASN B 146 -3.82 21.01 -19.54
C ASN B 146 -3.80 21.10 -18.02
N MET B 147 -4.87 20.69 -17.33
CA MET B 147 -4.89 20.85 -15.85
C MET B 147 -4.17 19.67 -15.15
N VAL B 148 -3.79 18.60 -15.85
CA VAL B 148 -2.85 17.64 -15.20
C VAL B 148 -1.49 18.33 -15.08
N SER B 149 -0.99 18.86 -16.20
CA SER B 149 0.28 19.62 -16.19
C SER B 149 0.18 20.77 -15.18
N GLY B 150 -0.94 21.49 -15.18
CA GLY B 150 -1.19 22.65 -14.31
C GLY B 150 -1.15 22.26 -12.86
N PHE B 151 -1.98 21.32 -12.46
CA PHE B 151 -2.05 20.87 -11.05
C PHE B 151 -0.72 20.23 -10.61
N LEU B 152 -0.03 19.45 -11.46
CA LEU B 152 1.22 18.81 -11.02
C LEU B 152 2.24 19.91 -10.73
N SER B 153 2.30 20.93 -11.60
CA SER B 153 3.26 22.05 -11.48
CA SER B 153 3.26 22.05 -11.48
C SER B 153 3.02 22.79 -10.15
N ILE B 154 1.77 23.03 -9.83
CA ILE B 154 1.41 23.77 -8.58
C ILE B 154 1.78 22.89 -7.38
N HIS B 155 1.36 21.62 -7.40
CA HIS B 155 1.60 20.71 -6.25
C HIS B 155 3.11 20.55 -6.00
N LEU B 156 3.98 20.48 -7.03
CA LEU B 156 5.41 20.11 -6.86
C LEU B 156 6.35 21.31 -7.03
N GLY B 157 5.79 22.47 -7.38
CA GLY B 157 6.56 23.71 -7.58
C GLY B 157 7.38 23.70 -8.85
N LEU B 158 6.88 23.11 -9.93
CA LEU B 158 7.68 22.92 -11.17
C LEU B 158 7.49 24.15 -12.06
N GLN B 159 8.56 24.80 -12.47
CA GLN B 159 8.43 26.11 -13.15
C GLN B 159 8.93 26.04 -14.59
N GLY B 160 9.27 24.85 -15.06
CA GLY B 160 9.81 24.62 -16.41
C GLY B 160 8.66 24.55 -17.41
N PRO B 161 8.94 24.16 -18.67
CA PRO B 161 7.93 24.09 -19.73
C PRO B 161 6.71 23.29 -19.25
N ASN B 162 5.54 23.85 -19.49
CA ASN B 162 4.28 23.36 -18.92
C ASN B 162 3.25 23.32 -20.04
N TYR B 163 2.98 22.16 -20.60
CA TYR B 163 2.05 22.08 -21.74
C TYR B 163 1.37 20.73 -21.81
N ALA B 164 0.42 20.60 -22.74
CA ALA B 164 -0.38 19.38 -22.89
C ALA B 164 -0.67 19.15 -24.39
N LEU B 165 -0.43 17.95 -24.84
CA LEU B 165 -0.71 17.45 -26.21
C LEU B 165 -2.10 16.82 -26.18
N THR B 166 -2.80 16.86 -27.32
CA THR B 166 -4.04 16.11 -27.52
C THR B 166 -4.02 15.58 -28.95
N THR B 167 -3.51 14.37 -29.15
CA THR B 167 -3.37 13.78 -30.50
C THR B 167 -4.01 12.40 -30.51
N ALA B 168 -5.22 12.30 -29.95
CA ALA B 168 -6.00 11.05 -29.91
C ALA B 168 -5.11 9.93 -29.36
N ALA B 169 -5.04 8.77 -30.03
CA ALA B 169 -4.29 7.60 -29.53
C ALA B 169 -2.77 7.81 -29.54
N THR B 170 -2.26 8.90 -30.14
CA THR B 170 -0.82 9.17 -30.15
C THR B 170 -0.41 10.10 -29.01
N THR B 171 -1.35 10.62 -28.23
CA THR B 171 -1.09 11.66 -27.22
C THR B 171 0.07 11.28 -26.31
N GLY B 172 0.08 10.06 -25.74
CA GLY B 172 1.12 9.71 -24.75
C GLY B 172 2.48 9.59 -25.40
N THR B 173 2.50 9.08 -26.64
CA THR B 173 3.72 8.93 -27.46
C THR B 173 4.29 10.31 -27.79
N HIS B 174 3.44 11.23 -28.24
CA HIS B 174 3.89 12.59 -28.61
C HIS B 174 4.33 13.32 -27.36
N SER B 175 3.60 13.19 -26.23
CA SER B 175 3.92 13.84 -24.95
C SER B 175 5.33 13.49 -24.52
N ILE B 176 5.66 12.21 -24.53
CA ILE B 176 7.00 11.71 -24.13
C ILE B 176 8.07 12.19 -25.12
N GLY B 177 7.82 12.02 -26.40
CA GLY B 177 8.79 12.39 -27.44
C GLY B 177 9.09 13.86 -27.42
N MET B 178 8.07 14.70 -27.28
CA MET B 178 8.30 16.17 -27.25
C MET B 178 8.94 16.63 -25.92
N ALA B 179 8.63 16.00 -24.80
CA ALA B 179 9.33 16.26 -23.53
C ALA B 179 10.81 15.90 -23.70
N ALA B 180 11.13 14.76 -24.32
CA ALA B 180 12.52 14.31 -24.57
C ALA B 180 13.27 15.35 -25.42
N ARG B 181 12.63 15.88 -26.45
CA ARG B 181 13.16 17.02 -27.24
C ARG B 181 13.47 18.23 -26.37
N ASN B 182 12.58 18.64 -25.47
CA ASN B 182 12.84 19.78 -24.56
C ASN B 182 14.17 19.55 -23.83
N ILE B 183 14.41 18.33 -23.39
CA ILE B 183 15.64 18.01 -22.61
C ILE B 183 16.84 17.98 -23.55
N ALA B 184 16.71 17.29 -24.67
CA ALA B 184 17.79 17.09 -25.67
C ALA B 184 18.36 18.43 -26.14
N TYR B 185 17.53 19.47 -26.23
CA TYR B 185 17.88 20.80 -26.79
C TYR B 185 18.07 21.84 -25.69
N GLY B 186 17.98 21.47 -24.42
CA GLY B 186 18.46 22.28 -23.29
C GLY B 186 17.39 23.17 -22.68
N GLU B 187 16.11 23.00 -23.04
CA GLU B 187 15.01 23.85 -22.50
C GLU B 187 14.66 23.37 -21.09
N ALA B 188 15.01 22.14 -20.76
CA ALA B 188 14.71 21.59 -19.42
C ALA B 188 15.73 20.50 -19.12
N ASP B 189 15.92 20.18 -17.86
CA ASP B 189 16.77 19.04 -17.43
C ASP B 189 15.94 17.81 -17.05
N VAL B 190 14.71 18.03 -16.59
CA VAL B 190 13.77 16.95 -16.20
C VAL B 190 12.40 17.30 -16.79
N MET B 191 11.67 16.29 -17.28
CA MET B 191 10.25 16.48 -17.65
C MET B 191 9.48 15.29 -17.10
N VAL B 192 8.30 15.56 -16.55
CA VAL B 192 7.27 14.51 -16.30
C VAL B 192 6.34 14.48 -17.51
N ALA B 193 6.25 13.34 -18.21
CA ALA B 193 5.53 13.25 -19.48
C ALA B 193 4.71 11.96 -19.53
N GLY B 194 3.57 12.02 -20.21
CA GLY B 194 2.69 10.86 -20.40
C GLY B 194 1.29 11.33 -20.75
N GLY B 195 0.31 10.58 -20.28
CA GLY B 195 -1.07 10.88 -20.64
C GLY B 195 -2.06 10.16 -19.74
N SER B 196 -3.29 10.62 -19.74
CA SER B 196 -4.36 9.97 -18.96
C SER B 196 -5.64 10.04 -19.76
N GLU B 197 -6.53 9.13 -19.43
CA GLU B 197 -7.85 9.07 -20.08
C GLU B 197 -8.88 8.45 -19.13
N MET B 198 -10.08 8.97 -19.22
CA MET B 198 -11.30 8.38 -18.61
CA MET B 198 -11.29 8.33 -18.63
C MET B 198 -12.47 8.72 -19.55
N ALA B 199 -12.73 7.89 -20.53
CA ALA B 199 -13.82 8.17 -21.51
C ALA B 199 -14.98 7.17 -21.40
N ALA B 200 -15.05 6.32 -20.37
CA ALA B 200 -16.19 5.40 -20.13
C ALA B 200 -17.36 6.20 -19.55
N CYS B 201 -18.03 6.94 -20.41
CA CYS B 201 -19.34 7.60 -20.12
C CYS B 201 -20.21 7.37 -21.36
N GLY B 202 -21.49 7.73 -21.26
CA GLY B 202 -22.43 7.68 -22.40
C GLY B 202 -21.81 8.25 -23.66
N LEU B 203 -21.14 9.40 -23.58
CA LEU B 203 -20.60 10.05 -24.79
C LEU B 203 -19.40 9.25 -25.33
N GLY B 204 -18.60 8.66 -24.46
CA GLY B 204 -17.42 7.85 -24.88
C GLY B 204 -17.89 6.58 -25.56
N LEU B 205 -18.62 5.76 -24.82
CA LEU B 205 -19.15 4.47 -25.33
C LEU B 205 -20.13 4.74 -26.47
N GLY B 206 -21.00 5.73 -26.30
CA GLY B 206 -21.98 6.11 -27.33
C GLY B 206 -21.32 6.72 -28.54
N GLY B 207 -20.32 7.58 -28.34
CA GLY B 207 -19.60 8.23 -29.45
C GLY B 207 -18.80 7.25 -30.27
N PHE B 208 -17.99 6.41 -29.65
CA PHE B 208 -17.18 5.41 -30.41
C PHE B 208 -18.10 4.31 -30.95
N GLY B 209 -19.13 3.92 -30.20
CA GLY B 209 -20.18 3.01 -30.71
C GLY B 209 -20.85 3.53 -31.95
N ALA B 210 -21.24 4.81 -31.99
CA ALA B 210 -21.91 5.44 -33.16
C ALA B 210 -20.97 5.37 -34.37
N ALA B 211 -19.67 5.42 -34.14
CA ALA B 211 -18.68 5.33 -35.24
C ALA B 211 -18.38 3.86 -35.58
N ARG B 212 -19.01 2.92 -34.89
CA ARG B 212 -18.77 1.46 -35.09
C ARG B 212 -17.28 1.14 -34.98
N ALA B 213 -16.62 1.69 -33.97
CA ALA B 213 -15.17 1.46 -33.77
C ALA B 213 -14.94 0.46 -32.64
N LEU B 214 -16.00 0.09 -31.92
CA LEU B 214 -15.84 -0.75 -30.69
C LEU B 214 -16.27 -2.17 -30.97
N SER B 215 -15.56 -3.12 -30.40
CA SER B 215 -16.00 -4.51 -30.25
C SER B 215 -17.34 -4.51 -29.52
N THR B 216 -18.26 -5.35 -29.99
CA THR B 216 -19.58 -5.57 -29.36
C THR B 216 -19.66 -7.01 -28.82
N ARG B 217 -18.53 -7.65 -28.46
CA ARG B 217 -18.51 -9.03 -27.92
C ARG B 217 -18.85 -8.99 -26.42
N ASN B 218 -20.07 -8.60 -26.09
CA ASN B 218 -20.53 -8.40 -24.69
C ASN B 218 -20.56 -9.73 -23.92
N ASP B 219 -20.79 -10.85 -24.61
CA ASP B 219 -20.86 -12.21 -24.00
C ASP B 219 -19.47 -12.63 -23.49
N GLU B 220 -18.35 -12.11 -24.06
CA GLU B 220 -16.99 -12.54 -23.63
C GLU B 220 -16.04 -11.36 -23.66
N PRO B 221 -16.19 -10.41 -22.71
CA PRO B 221 -15.41 -9.17 -22.72
C PRO B 221 -13.90 -9.43 -22.72
N THR B 222 -13.42 -10.48 -22.04
CA THR B 222 -11.96 -10.71 -21.90
C THR B 222 -11.37 -11.24 -23.23
N ARG B 223 -12.22 -11.68 -24.15
CA ARG B 223 -11.82 -12.19 -25.51
C ARG B 223 -12.04 -11.15 -26.61
N ALA B 224 -12.54 -9.95 -26.28
CA ALA B 224 -13.01 -8.96 -27.27
C ALA B 224 -11.80 -8.35 -27.99
N SER B 225 -10.78 -7.97 -27.22
CA SER B 225 -9.55 -7.34 -27.72
C SER B 225 -8.64 -8.45 -28.27
N ARG B 226 -8.51 -8.53 -29.60
CA ARG B 226 -7.79 -9.67 -30.23
C ARG B 226 -7.04 -9.17 -31.44
N PRO B 227 -5.98 -8.37 -31.21
CA PRO B 227 -5.19 -7.84 -32.30
C PRO B 227 -4.67 -8.95 -33.24
N TRP B 228 -4.82 -8.69 -34.54
CA TRP B 228 -4.35 -9.51 -35.67
C TRP B 228 -5.15 -10.81 -35.80
N ASP B 229 -6.11 -11.05 -34.92
CA ASP B 229 -6.99 -12.26 -35.00
C ASP B 229 -8.03 -12.08 -36.10
N ARG B 230 -8.34 -13.14 -36.83
CA ARG B 230 -9.31 -13.04 -37.96
C ARG B 230 -10.70 -12.62 -37.46
N ASP B 231 -11.01 -12.80 -36.19
CA ASP B 231 -12.38 -12.49 -35.67
C ASP B 231 -12.41 -11.14 -34.93
N ARG B 232 -11.37 -10.33 -35.01
CA ARG B 232 -11.36 -8.97 -34.40
C ARG B 232 -12.49 -8.10 -35.00
N ASP B 233 -13.12 -7.27 -34.16
CA ASP B 233 -14.31 -6.48 -34.55
C ASP B 233 -14.26 -5.10 -33.90
N GLY B 234 -13.09 -4.49 -33.70
CA GLY B 234 -13.02 -3.16 -33.10
C GLY B 234 -12.34 -3.16 -31.73
N PHE B 235 -12.04 -1.98 -31.24
CA PHE B 235 -11.17 -1.86 -30.07
C PHE B 235 -12.08 -1.87 -28.83
N VAL B 236 -11.42 -2.02 -27.70
CA VAL B 236 -12.04 -2.02 -26.37
C VAL B 236 -11.58 -0.75 -25.67
N LEU B 237 -12.54 0.01 -25.19
CA LEU B 237 -12.28 1.31 -24.52
C LEU B 237 -11.80 1.08 -23.08
N SER B 238 -10.70 1.71 -22.71
CA SER B 238 -10.07 1.52 -21.38
C SER B 238 -9.65 2.88 -20.80
N ASP B 239 -9.48 2.91 -19.49
CA ASP B 239 -9.12 4.10 -18.70
C ASP B 239 -7.79 3.85 -18.01
N GLY B 240 -7.11 4.93 -17.66
CA GLY B 240 -5.88 4.88 -16.90
C GLY B 240 -4.91 5.97 -17.27
N SER B 241 -3.65 5.77 -16.93
CA SER B 241 -2.65 6.85 -17.02
C SER B 241 -1.27 6.24 -16.97
N GLY B 242 -0.34 6.93 -17.60
CA GLY B 242 1.06 6.58 -17.50
C GLY B 242 1.88 7.82 -17.46
N ALA B 243 2.98 7.78 -16.73
CA ALA B 243 3.90 8.93 -16.65
C ALA B 243 5.32 8.42 -16.51
N LEU B 244 6.23 9.14 -17.13
CA LEU B 244 7.66 8.89 -17.05
C LEU B 244 8.32 10.15 -16.54
N VAL B 245 9.37 9.96 -15.76
CA VAL B 245 10.30 11.08 -15.50
C VAL B 245 11.44 10.86 -16.47
N LEU B 246 11.61 11.82 -17.36
CA LEU B 246 12.73 11.90 -18.32
C LEU B 246 13.75 12.86 -17.70
N GLU B 247 15.03 12.58 -17.90
CA GLU B 247 16.11 13.34 -17.26
C GLU B 247 17.29 13.38 -18.22
N GLU B 248 18.01 14.51 -18.27
CA GLU B 248 19.30 14.58 -18.99
C GLU B 248 20.27 13.55 -18.36
N LEU B 249 21.01 12.83 -19.15
CA LEU B 249 21.87 11.74 -18.64
C LEU B 249 22.87 12.28 -17.60
N GLU B 250 23.57 13.39 -17.87
CA GLU B 250 24.63 13.86 -16.91
C GLU B 250 23.97 14.28 -15.59
N HIS B 251 22.77 14.85 -15.65
CA HIS B 251 21.99 15.26 -14.46
C HIS B 251 21.64 14.04 -13.62
N ALA B 252 21.19 12.95 -14.24
CA ALA B 252 20.80 11.71 -13.55
C ALA B 252 22.04 11.06 -12.91
N ARG B 253 23.13 10.97 -13.67
CA ARG B 253 24.45 10.42 -13.20
C ARG B 253 24.95 11.21 -11.98
N ALA B 254 24.97 12.54 -12.07
CA ALA B 254 25.47 13.42 -10.97
C ALA B 254 24.70 13.14 -9.68
N ARG B 255 23.41 12.80 -9.72
CA ARG B 255 22.65 12.61 -8.45
C ARG B 255 22.53 11.13 -8.09
N GLY B 256 23.19 10.22 -8.83
CA GLY B 256 23.15 8.75 -8.61
C GLY B 256 21.77 8.13 -8.85
N ALA B 257 21.00 8.67 -9.78
CA ALA B 257 19.66 8.13 -10.09
C ALA B 257 19.71 6.73 -10.71
N ARG B 258 18.68 5.93 -10.44
CA ARG B 258 18.57 4.62 -11.11
C ARG B 258 17.99 4.86 -12.51
N ILE B 259 18.70 4.41 -13.54
CA ILE B 259 18.26 4.61 -14.94
C ILE B 259 17.65 3.32 -15.45
N TYR B 260 16.40 3.40 -15.90
CA TYR B 260 15.71 2.22 -16.47
C TYR B 260 16.19 1.93 -17.89
N ALA B 261 16.32 2.98 -18.71
CA ALA B 261 16.61 2.88 -20.15
C ALA B 261 16.93 4.27 -20.66
N GLU B 262 17.45 4.30 -21.87
CA GLU B 262 17.70 5.55 -22.63
C GLU B 262 16.58 5.73 -23.65
N LEU B 263 16.05 6.95 -23.75
CA LEU B 263 15.08 7.29 -24.81
C LEU B 263 15.92 7.85 -25.96
N VAL B 264 16.13 7.04 -27.00
CA VAL B 264 17.15 7.37 -28.03
C VAL B 264 16.48 7.97 -29.26
N GLY B 265 15.20 7.70 -29.52
CA GLY B 265 14.62 8.15 -30.79
C GLY B 265 13.13 8.43 -30.69
N PHE B 266 12.73 9.46 -31.41
CA PHE B 266 11.33 9.88 -31.57
C PHE B 266 11.10 10.23 -33.03
N GLY B 267 10.04 9.66 -33.59
CA GLY B 267 9.61 9.91 -34.97
C GLY B 267 8.16 10.31 -34.98
N MET B 268 7.79 11.19 -35.91
CA MET B 268 6.40 11.57 -36.16
C MET B 268 6.18 11.54 -37.66
N SER B 269 4.93 11.41 -38.06
CA SER B 269 4.50 11.52 -39.47
C SER B 269 2.97 11.69 -39.48
N GLY B 270 2.44 12.23 -40.57
CA GLY B 270 1.01 12.18 -40.87
C GLY B 270 0.81 11.24 -42.04
N ASP B 271 -0.23 10.44 -42.01
CA ASP B 271 -0.69 9.62 -43.15
C ASP B 271 -1.14 10.54 -44.28
N ALA B 272 -1.89 11.59 -43.96
CA ALA B 272 -2.54 12.49 -44.93
C ALA B 272 -3.42 11.66 -45.88
N PHE B 273 -4.22 10.74 -45.32
CA PHE B 273 -4.97 9.74 -46.13
C PHE B 273 -6.47 9.80 -45.80
N HIS B 274 -6.86 9.50 -44.57
CA HIS B 274 -8.29 9.37 -44.16
C HIS B 274 -8.45 9.73 -42.67
N MET B 275 -9.62 10.20 -42.27
CA MET B 275 -9.82 10.76 -40.89
C MET B 275 -9.69 9.64 -39.86
N THR B 276 -10.09 8.41 -40.20
CA THR B 276 -10.11 7.27 -39.23
C THR B 276 -9.44 6.00 -39.77
N ALA B 277 -9.33 5.80 -41.08
CA ALA B 277 -8.79 4.55 -41.69
C ALA B 277 -7.33 4.77 -42.10
N PRO B 278 -6.41 3.80 -41.83
CA PRO B 278 -5.03 3.92 -42.30
C PRO B 278 -4.94 3.50 -43.77
N PRO B 279 -3.89 3.91 -44.50
CA PRO B 279 -3.61 3.34 -45.83
C PRO B 279 -3.26 1.85 -45.68
N GLU B 280 -3.62 1.00 -46.66
CA GLU B 280 -3.53 -0.49 -46.55
C GLU B 280 -2.08 -0.96 -46.34
N ASP B 281 -1.13 -0.29 -46.99
CA ASP B 281 0.33 -0.60 -46.89
C ASP B 281 0.95 0.01 -45.61
N GLY B 282 0.23 0.81 -44.84
CA GLY B 282 0.78 1.43 -43.62
C GLY B 282 1.96 2.36 -43.92
N ALA B 283 1.94 3.07 -45.05
CA ALA B 283 3.08 3.89 -45.52
C ALA B 283 3.40 4.96 -44.45
N GLY B 284 2.41 5.52 -43.78
CA GLY B 284 2.62 6.57 -42.80
C GLY B 284 3.32 6.03 -41.57
N ALA B 285 2.91 4.84 -41.13
CA ALA B 285 3.51 4.14 -39.98
C ALA B 285 4.94 3.76 -40.33
N ALA B 286 5.18 3.31 -41.57
CA ALA B 286 6.54 3.02 -42.07
C ALA B 286 7.41 4.28 -41.95
N ARG B 287 6.95 5.42 -42.44
CA ARG B 287 7.78 6.67 -42.43
C ARG B 287 8.10 7.02 -40.97
N CYS B 288 7.10 6.89 -40.10
CA CYS B 288 7.23 7.27 -38.69
C CYS B 288 8.29 6.40 -38.00
N MET B 289 8.22 5.08 -38.20
CA MET B 289 9.23 4.17 -37.60
C MET B 289 10.64 4.47 -38.14
N LYS B 290 10.81 4.65 -39.45
CA LYS B 290 12.12 5.00 -40.07
C LYS B 290 12.62 6.32 -39.48
N ASN B 291 11.76 7.33 -39.39
CA ASN B 291 12.12 8.62 -38.77
C ASN B 291 12.68 8.37 -37.36
N ALA B 292 11.99 7.54 -36.57
CA ALA B 292 12.37 7.29 -35.17
C ALA B 292 13.74 6.61 -35.13
N LEU B 293 13.91 5.58 -35.95
CA LEU B 293 15.18 4.82 -35.98
C LEU B 293 16.31 5.71 -36.47
N ARG B 294 16.05 6.52 -37.49
CA ARG B 294 17.09 7.45 -38.02
C ARG B 294 17.42 8.50 -36.97
N ASP B 295 16.44 8.95 -36.17
CA ASP B 295 16.67 9.90 -35.06
C ASP B 295 17.55 9.21 -34.01
N ALA B 296 17.34 7.91 -33.80
CA ALA B 296 18.03 7.14 -32.74
C ALA B 296 19.45 6.80 -33.17
N GLY B 297 19.71 6.90 -34.47
CA GLY B 297 21.00 6.48 -35.04
C GLY B 297 21.11 4.96 -34.98
N LEU B 298 20.00 4.24 -35.25
CA LEU B 298 19.94 2.77 -35.17
C LEU B 298 19.47 2.21 -36.51
N ASP B 299 20.04 1.07 -36.91
CA ASP B 299 19.59 0.30 -38.08
C ASP B 299 18.34 -0.48 -37.67
N PRO B 300 17.37 -0.69 -38.57
CA PRO B 300 16.24 -1.59 -38.30
C PRO B 300 16.66 -2.94 -37.69
N ARG B 301 17.81 -3.49 -38.09
CA ARG B 301 18.24 -4.85 -37.65
C ARG B 301 18.63 -4.86 -36.16
N GLN B 302 18.71 -3.71 -35.50
CA GLN B 302 19.07 -3.65 -34.07
C GLN B 302 17.79 -3.69 -33.21
N VAL B 303 16.61 -3.69 -33.81
CA VAL B 303 15.35 -3.68 -33.02
C VAL B 303 14.98 -5.11 -32.63
N ASP B 304 14.79 -5.35 -31.33
CA ASP B 304 14.43 -6.71 -30.82
C ASP B 304 12.93 -6.79 -30.53
N TYR B 305 12.32 -5.70 -30.07
CA TYR B 305 10.91 -5.80 -29.61
C TYR B 305 10.14 -4.58 -30.11
N ILE B 306 8.95 -4.79 -30.66
CA ILE B 306 7.99 -3.71 -30.94
C ILE B 306 6.73 -3.89 -30.10
N ASN B 307 6.38 -2.86 -29.36
CA ASN B 307 5.04 -2.76 -28.72
C ASN B 307 4.17 -2.02 -29.74
N ALA B 308 3.35 -2.80 -30.40
CA ALA B 308 2.55 -2.39 -31.55
C ALA B 308 1.46 -1.45 -31.09
N HIS B 309 0.94 -0.69 -32.02
CA HIS B 309 -0.33 0.03 -31.81
C HIS B 309 -1.46 -1.00 -31.60
N GLY B 310 -1.67 -1.87 -32.59
CA GLY B 310 -2.45 -3.13 -32.51
C GLY B 310 -3.73 -3.06 -31.70
N THR B 311 -4.74 -2.37 -32.19
CA THR B 311 -5.92 -1.97 -31.38
C THR B 311 -7.05 -2.97 -31.56
N SER B 312 -6.90 -3.98 -32.44
CA SER B 312 -7.94 -4.99 -32.70
C SER B 312 -9.00 -4.41 -33.67
N THR B 313 -8.58 -3.51 -34.56
CA THR B 313 -9.44 -3.02 -35.67
C THR B 313 -9.11 -3.82 -36.94
N PRO B 314 -10.09 -4.10 -37.82
CA PRO B 314 -9.79 -4.77 -39.10
C PRO B 314 -8.68 -4.10 -39.94
N ALA B 315 -8.85 -2.85 -40.37
CA ALA B 315 -7.90 -2.19 -41.28
C ALA B 315 -6.59 -1.89 -40.55
N GLY B 316 -6.69 -1.42 -39.31
CA GLY B 316 -5.51 -0.92 -38.58
C GLY B 316 -4.46 -2.01 -38.41
N ASP B 317 -4.87 -3.15 -37.91
CA ASP B 317 -3.92 -4.19 -37.45
C ASP B 317 -3.06 -4.66 -38.64
N ILE B 318 -3.67 -4.89 -39.81
CA ILE B 318 -2.92 -5.44 -40.97
C ILE B 318 -2.02 -4.36 -41.59
N ALA B 319 -2.43 -3.08 -41.56
CA ALA B 319 -1.59 -1.92 -41.99
C ALA B 319 -0.30 -1.90 -41.17
N GLU B 320 -0.37 -2.20 -39.87
CA GLU B 320 0.83 -2.14 -39.01
C GLU B 320 1.79 -3.28 -39.37
N ILE B 321 1.29 -4.48 -39.63
CA ILE B 321 2.13 -5.60 -40.16
C ILE B 321 2.82 -5.17 -41.46
N ALA B 322 2.08 -4.63 -42.43
CA ALA B 322 2.66 -4.18 -43.71
C ALA B 322 3.80 -3.19 -43.45
N ALA B 323 3.61 -2.25 -42.52
CA ALA B 323 4.60 -1.19 -42.24
C ALA B 323 5.83 -1.84 -41.65
N VAL B 324 5.66 -2.80 -40.72
CA VAL B 324 6.81 -3.50 -40.11
C VAL B 324 7.55 -4.32 -41.19
N LYS B 325 6.84 -4.99 -42.09
CA LYS B 325 7.53 -5.75 -43.18
C LYS B 325 8.35 -4.78 -44.05
N SER B 326 7.79 -3.60 -44.34
CA SER B 326 8.41 -2.56 -45.20
CA SER B 326 8.43 -2.58 -45.21
C SER B 326 9.69 -2.04 -44.53
N VAL B 327 9.62 -1.74 -43.23
CA VAL B 327 10.76 -1.11 -42.51
C VAL B 327 11.87 -2.13 -42.27
N PHE B 328 11.53 -3.35 -41.87
CA PHE B 328 12.49 -4.30 -41.24
C PHE B 328 12.94 -5.37 -42.25
N GLY B 329 12.20 -5.59 -43.34
CA GLY B 329 12.49 -6.61 -44.38
C GLY B 329 12.65 -7.97 -43.72
N GLU B 330 13.77 -8.65 -43.96
CA GLU B 330 14.01 -10.02 -43.43
C GLU B 330 13.99 -10.00 -41.91
N HIS B 331 14.55 -8.95 -41.31
CA HIS B 331 14.59 -8.81 -39.83
C HIS B 331 13.16 -8.78 -39.24
N ALA B 332 12.12 -8.57 -40.04
CA ALA B 332 10.74 -8.59 -39.52
C ALA B 332 10.47 -9.96 -38.86
N HIS B 333 11.13 -11.04 -39.31
CA HIS B 333 10.92 -12.42 -38.78
C HIS B 333 11.86 -12.71 -37.60
N ALA B 334 12.81 -11.82 -37.30
CA ALA B 334 13.74 -12.00 -36.15
C ALA B 334 13.23 -11.24 -34.90
N LEU B 335 12.57 -10.09 -35.09
CA LEU B 335 12.08 -9.29 -33.93
C LEU B 335 10.81 -9.93 -33.39
N SER B 336 10.40 -9.51 -32.19
CA SER B 336 9.13 -9.89 -31.57
C SER B 336 8.26 -8.65 -31.49
N MET B 337 7.01 -8.77 -31.88
CA MET B 337 6.05 -7.65 -31.83
C MET B 337 4.80 -8.14 -31.08
N SER B 338 4.32 -7.35 -30.13
CA SER B 338 3.10 -7.71 -29.39
C SER B 338 2.24 -6.48 -29.16
N SER B 339 0.95 -6.73 -28.98
CA SER B 339 0.02 -5.66 -28.56
C SER B 339 -0.44 -6.00 -27.16
N THR B 340 -0.06 -5.18 -26.20
CA THR B 340 -0.54 -5.30 -24.80
C THR B 340 -1.99 -4.80 -24.70
N LYS B 341 -2.53 -4.18 -25.76
CA LYS B 341 -3.96 -3.78 -25.79
C LYS B 341 -4.83 -5.04 -25.76
N SER B 342 -4.28 -6.20 -26.14
CA SER B 342 -4.99 -7.51 -26.04
C SER B 342 -5.48 -7.70 -24.60
N MET B 343 -4.72 -7.20 -23.63
CA MET B 343 -4.98 -7.33 -22.17
C MET B 343 -5.55 -6.06 -21.55
N THR B 344 -5.03 -4.88 -21.96
CA THR B 344 -5.39 -3.58 -21.32
C THR B 344 -6.59 -2.93 -21.97
N GLY B 345 -6.90 -3.28 -23.21
CA GLY B 345 -7.76 -2.49 -24.12
C GLY B 345 -7.02 -1.23 -24.54
N HIS B 346 -7.73 -0.33 -25.16
CA HIS B 346 -7.20 0.90 -25.77
C HIS B 346 -7.42 2.04 -24.79
N LEU B 347 -6.36 2.53 -24.17
CA LEU B 347 -6.44 3.65 -23.18
C LEU B 347 -6.38 5.00 -23.89
N LEU B 348 -6.54 5.06 -25.21
CA LEU B 348 -6.65 6.32 -25.98
C LEU B 348 -5.45 7.24 -25.66
N GLY B 349 -5.66 8.42 -25.06
CA GLY B 349 -4.55 9.37 -24.78
C GLY B 349 -3.52 8.84 -23.77
N ALA B 350 -3.81 7.79 -23.03
CA ALA B 350 -2.82 7.19 -22.13
C ALA B 350 -2.13 5.99 -22.79
N ALA B 351 -2.62 5.51 -23.92
CA ALA B 351 -2.10 4.25 -24.54
C ALA B 351 -0.58 4.34 -24.72
N GLY B 352 -0.09 5.42 -25.33
CA GLY B 352 1.33 5.57 -25.63
C GLY B 352 2.15 5.64 -24.36
N ALA B 353 1.60 6.19 -23.27
CA ALA B 353 2.37 6.33 -22.02
C ALA B 353 2.50 4.96 -21.34
N VAL B 354 1.42 4.20 -21.27
CA VAL B 354 1.48 2.87 -20.58
C VAL B 354 2.32 1.94 -21.44
N GLU B 355 2.23 2.03 -22.76
CA GLU B 355 3.00 1.15 -23.68
C GLU B 355 4.50 1.52 -23.68
N ALA B 356 4.85 2.79 -23.47
CA ALA B 356 6.25 3.21 -23.30
C ALA B 356 6.79 2.54 -22.04
N ILE B 357 6.00 2.54 -20.96
CA ILE B 357 6.42 1.87 -19.71
C ILE B 357 6.60 0.37 -19.98
N PHE B 358 5.62 -0.28 -20.61
CA PHE B 358 5.73 -1.73 -20.93
C PHE B 358 6.99 -2.01 -21.77
N SER B 359 7.34 -1.15 -22.71
CA SER B 359 8.53 -1.30 -23.58
C SER B 359 9.81 -1.18 -22.72
N VAL B 360 9.81 -0.26 -21.77
CA VAL B 360 10.98 -0.06 -20.88
C VAL B 360 11.12 -1.30 -19.97
N LEU B 361 10.01 -1.83 -19.46
CA LEU B 361 10.06 -3.05 -18.58
C LEU B 361 10.43 -4.30 -19.39
N ALA B 362 10.08 -4.40 -20.67
CA ALA B 362 10.58 -5.47 -21.55
C ALA B 362 12.12 -5.43 -21.65
N LEU B 363 12.72 -4.23 -21.71
CA LEU B 363 14.19 -4.04 -21.64
C LEU B 363 14.72 -4.49 -20.26
N ARG B 364 14.13 -4.03 -19.17
CA ARG B 364 14.60 -4.38 -17.81
C ARG B 364 14.56 -5.91 -17.66
N ASP B 365 13.47 -6.56 -18.07
CA ASP B 365 13.21 -7.97 -17.65
C ASP B 365 13.57 -8.96 -18.75
N GLN B 366 13.99 -8.48 -19.92
CA GLN B 366 14.34 -9.30 -21.10
C GLN B 366 13.18 -10.25 -21.40
N VAL B 367 11.98 -9.70 -21.53
CA VAL B 367 10.79 -10.53 -21.85
C VAL B 367 9.85 -9.73 -22.75
N ALA B 368 9.34 -10.37 -23.78
CA ALA B 368 8.37 -9.77 -24.70
C ALA B 368 7.00 -10.13 -24.16
N PRO B 369 6.16 -9.14 -23.80
CA PRO B 369 4.83 -9.43 -23.30
C PRO B 369 3.97 -10.04 -24.39
N PRO B 370 2.96 -10.85 -24.02
CA PRO B 370 2.14 -11.55 -25.00
C PRO B 370 1.10 -10.68 -25.72
N THR B 371 0.69 -11.17 -26.89
CA THR B 371 -0.60 -10.79 -27.48
C THR B 371 -1.59 -11.90 -27.12
N ILE B 372 -2.41 -11.72 -26.09
CA ILE B 372 -3.45 -12.73 -25.79
C ILE B 372 -4.57 -12.68 -26.83
N ASN B 373 -5.39 -13.72 -26.89
CA ASN B 373 -6.59 -13.81 -27.78
C ASN B 373 -6.21 -14.00 -29.26
N LEU B 374 -4.95 -14.21 -29.57
CA LEU B 374 -4.49 -14.37 -30.97
C LEU B 374 -4.62 -15.87 -31.33
N ASP B 375 -5.86 -16.30 -31.45
CA ASP B 375 -6.28 -17.71 -31.69
C ASP B 375 -5.99 -18.09 -33.16
N ASN B 376 -6.37 -17.25 -34.11
CA ASN B 376 -6.27 -17.51 -35.58
C ASN B 376 -5.75 -16.26 -36.26
N PRO B 377 -4.43 -16.11 -36.38
CA PRO B 377 -3.84 -14.95 -37.06
C PRO B 377 -4.41 -14.77 -38.46
N ASP B 378 -4.75 -13.54 -38.81
CA ASP B 378 -5.35 -13.21 -40.13
C ASP B 378 -4.27 -13.35 -41.22
N GLU B 379 -4.68 -13.34 -42.48
CA GLU B 379 -3.74 -13.48 -43.62
C GLU B 379 -2.61 -12.45 -43.53
N GLY B 380 -1.37 -12.93 -43.72
CA GLY B 380 -0.14 -12.13 -43.74
C GLY B 380 0.27 -11.68 -42.35
N CYS B 381 -0.39 -12.16 -41.29
CA CYS B 381 -0.01 -11.86 -39.88
C CYS B 381 0.88 -13.00 -39.38
N ASP B 382 2.05 -13.16 -40.01
CA ASP B 382 2.95 -14.35 -39.92
C ASP B 382 4.24 -13.99 -39.18
N LEU B 383 4.33 -12.79 -38.60
CA LEU B 383 5.48 -12.42 -37.77
C LEU B 383 5.38 -13.13 -36.42
N ASP B 384 6.41 -13.04 -35.60
CA ASP B 384 6.39 -13.42 -34.18
C ASP B 384 5.57 -12.35 -33.43
N LEU B 385 4.28 -12.62 -33.25
CA LEU B 385 3.35 -11.71 -32.52
C LEU B 385 3.20 -12.14 -31.07
N VAL B 386 4.11 -12.97 -30.57
CA VAL B 386 4.14 -13.43 -29.15
C VAL B 386 2.71 -13.87 -28.73
N ALA B 387 2.10 -14.74 -29.50
CA ALA B 387 0.73 -15.14 -29.20
C ALA B 387 0.60 -15.86 -27.86
N HIS B 388 -0.41 -15.49 -27.05
CA HIS B 388 -0.79 -16.24 -25.82
C HIS B 388 0.13 -16.09 -24.61
N GLU B 389 1.43 -16.28 -24.76
CA GLU B 389 2.32 -16.35 -23.58
C GLU B 389 3.54 -15.45 -23.71
N ALA B 390 3.99 -14.89 -22.59
CA ALA B 390 5.19 -14.02 -22.59
C ALA B 390 6.38 -14.83 -23.10
N LYS B 391 7.36 -14.17 -23.71
CA LYS B 391 8.52 -14.83 -24.31
C LYS B 391 9.82 -14.20 -23.79
N PRO B 392 10.55 -14.92 -22.91
CA PRO B 392 11.88 -14.47 -22.51
C PRO B 392 12.77 -14.47 -23.76
N ARG B 393 13.51 -13.38 -23.95
CA ARG B 393 14.41 -13.23 -25.13
C ARG B 393 15.32 -12.01 -24.93
N LYS B 394 16.36 -11.93 -25.75
CA LYS B 394 17.29 -10.79 -25.72
C LYS B 394 16.55 -9.58 -26.28
N ILE B 395 16.55 -8.50 -25.51
CA ILE B 395 16.02 -7.20 -25.98
C ILE B 395 17.00 -6.09 -25.64
N ASP B 396 17.64 -5.50 -26.64
CA ASP B 396 18.52 -4.33 -26.43
C ASP B 396 17.76 -3.07 -26.83
N VAL B 397 16.90 -3.19 -27.83
CA VAL B 397 16.20 -2.03 -28.45
C VAL B 397 14.71 -2.37 -28.52
N ALA B 398 13.88 -1.50 -27.96
CA ALA B 398 12.40 -1.64 -27.97
C ALA B 398 11.79 -0.39 -28.62
N LEU B 399 10.82 -0.61 -29.48
CA LEU B 399 10.05 0.42 -30.23
C LEU B 399 8.61 0.40 -29.72
N SER B 400 8.00 1.56 -29.52
CA SER B 400 6.57 1.69 -29.18
C SER B 400 5.92 2.57 -30.24
N ASN B 401 4.88 2.05 -30.87
CA ASN B 401 4.13 2.69 -31.98
C ASN B 401 2.76 3.19 -31.50
N SER B 402 2.36 4.38 -31.94
CA SER B 402 0.97 4.87 -31.80
C SER B 402 0.54 5.52 -33.11
N PHE B 403 -0.64 5.14 -33.61
CA PHE B 403 -1.24 5.69 -34.85
C PHE B 403 -2.66 6.18 -34.48
N GLY B 404 -2.95 7.47 -34.59
CA GLY B 404 -4.21 8.07 -34.08
C GLY B 404 -5.15 8.54 -35.17
N PHE B 405 -6.40 8.85 -34.80
CA PHE B 405 -7.39 9.48 -35.70
C PHE B 405 -6.76 10.74 -36.29
N GLY B 406 -7.02 10.97 -37.57
CA GLY B 406 -6.48 12.10 -38.34
C GLY B 406 -5.17 11.71 -38.99
N GLY B 407 -4.77 10.43 -38.84
CA GLY B 407 -3.54 9.89 -39.43
C GLY B 407 -2.28 10.43 -38.77
N THR B 408 -2.35 10.75 -37.49
CA THR B 408 -1.19 11.27 -36.70
C THR B 408 -0.42 10.07 -36.12
N ASN B 409 0.88 9.98 -36.38
CA ASN B 409 1.70 8.79 -36.04
C ASN B 409 2.85 9.23 -35.16
N GLY B 410 3.20 8.39 -34.22
CA GLY B 410 4.33 8.59 -33.31
C GLY B 410 4.99 7.27 -33.01
N THR B 411 6.31 7.28 -32.91
CA THR B 411 7.12 6.10 -32.53
C THR B 411 8.17 6.57 -31.54
N LEU B 412 8.36 5.81 -30.47
CA LEU B 412 9.49 6.00 -29.51
C LEU B 412 10.41 4.79 -29.61
N VAL B 413 11.69 5.05 -29.45
CA VAL B 413 12.75 4.02 -29.44
C VAL B 413 13.50 4.13 -28.13
N PHE B 414 13.56 3.02 -27.40
CA PHE B 414 14.25 2.88 -26.11
C PHE B 414 15.38 1.87 -26.29
N ARG B 415 16.46 2.05 -25.54
CA ARG B 415 17.51 1.02 -25.53
C ARG B 415 18.09 0.88 -24.12
N ARG B 416 18.59 -0.31 -23.83
CA ARG B 416 19.37 -0.54 -22.59
C ARG B 416 20.59 0.37 -22.66
N PHE B 417 20.92 1.00 -21.53
CA PHE B 417 22.03 1.98 -21.39
C PHE B 417 23.21 1.31 -20.65
N ALA B 418 24.36 1.15 -21.33
CA ALA B 418 25.58 0.48 -20.84
C ALA B 418 25.81 0.78 -19.35
#